data_7T84
#
_entry.id   7T84
#
_cell.length_a   78.664
_cell.length_b   89.190
_cell.length_c   83.105
_cell.angle_alpha   90.000
_cell.angle_beta   110.050
_cell.angle_gamma   90.000
#
_symmetry.space_group_name_H-M   'P 1 21 1'
#
loop_
_entity.id
_entity.type
_entity.pdbx_description
1 polymer 'Nanobody AT118i4h32 G26D T57I'
2 non-polymer 'CITRIC ACID'
3 non-polymer GLYCEROL
4 non-polymer 'SODIUM ION'
5 non-polymer DI(HYDROXYETHYL)ETHER
6 water water
#
_entity_poly.entity_id   1
_entity_poly.type   'polypeptide(L)'
_entity_poly.pdbx_seq_one_letter_code
;MAEVQLVESGGGLVQPGGSLRLSCAASDYIYRRYRMGWYRQAPGKGREFVAAISGGSSINYADSVKGRFTISRDNSKNTV
YLQMNSLRAEDTAVYYCAAYRIVSDPRVYWGQGTQVTVSSLEHHHHHH
;
_entity_poly.pdbx_strand_id   A,B,C,D,E,F,G,H
#
loop_
_chem_comp.id
_chem_comp.type
_chem_comp.name
_chem_comp.formula
CIT non-polymer 'CITRIC ACID' 'C6 H8 O7'
GOL non-polymer GLYCEROL 'C3 H8 O3'
NA non-polymer 'SODIUM ION' 'Na 1'
PEG non-polymer DI(HYDROXYETHYL)ETHER 'C4 H10 O3'
#
# COMPACT_ATOMS: atom_id res chain seq x y z
N MET A 1 -1.05 24.39 -29.07
CA MET A 1 -0.58 24.43 -27.69
C MET A 1 -0.71 23.07 -27.01
N ALA A 2 -0.08 22.92 -25.85
CA ALA A 2 -0.18 21.68 -25.10
C ALA A 2 -0.74 21.94 -23.70
N GLU A 3 -1.49 20.96 -23.19
CA GLU A 3 -2.05 21.02 -21.84
C GLU A 3 -1.10 20.34 -20.86
N VAL A 4 -0.85 20.98 -19.71
CA VAL A 4 -0.05 20.39 -18.63
C VAL A 4 -0.92 20.24 -17.39
N GLN A 5 -1.02 19.00 -16.87
CA GLN A 5 -1.82 18.75 -15.67
C GLN A 5 -1.22 17.58 -14.94
N LEU A 6 -1.13 17.68 -13.59
CA LEU A 6 -0.62 16.60 -12.74
C LEU A 6 -1.59 16.49 -11.57
N VAL A 7 -2.15 15.30 -11.37
CA VAL A 7 -3.19 15.11 -10.36
C VAL A 7 -2.78 13.95 -9.47
N GLU A 8 -2.57 14.23 -8.18
CA GLU A 8 -2.15 13.24 -7.19
C GLU A 8 -3.31 12.74 -6.37
N SER A 9 -3.27 11.47 -6.02
CA SER A 9 -4.24 10.98 -5.06
C SER A 9 -3.64 9.81 -4.31
N GLY A 10 -4.36 9.32 -3.30
CA GLY A 10 -3.92 8.15 -2.55
C GLY A 10 -3.37 8.43 -1.17
N GLY A 11 -3.24 9.68 -0.75
CA GLY A 11 -2.75 9.97 0.58
C GLY A 11 -3.77 9.61 1.65
N GLY A 12 -3.31 9.61 2.88
CA GLY A 12 -4.20 9.33 3.98
C GLY A 12 -3.42 9.08 5.25
N LEU A 13 -4.16 8.65 6.27
CA LEU A 13 -3.64 8.40 7.61
C LEU A 13 -3.56 6.90 7.84
N VAL A 14 -2.37 6.39 8.19
CA VAL A 14 -2.18 4.98 8.52
C VAL A 14 -1.32 4.89 9.77
N GLN A 15 -1.21 3.65 10.31
CA GLN A 15 -0.36 3.43 11.48
C GLN A 15 1.02 2.98 11.05
N PRO A 16 2.04 3.14 11.91
CA PRO A 16 3.34 2.54 11.61
C PRO A 16 3.19 1.07 11.22
N GLY A 17 3.91 0.70 10.15
CA GLY A 17 3.80 -0.60 9.54
C GLY A 17 2.76 -0.69 8.46
N GLY A 18 1.97 0.37 8.29
CA GLY A 18 0.88 0.40 7.33
C GLY A 18 1.38 0.62 5.91
N SER A 19 0.42 0.82 5.01
N SER A 19 0.43 0.87 5.01
CA SER A 19 0.69 0.89 3.58
CA SER A 19 0.76 0.96 3.60
C SER A 19 -0.24 1.89 2.91
C SER A 19 -0.24 1.86 2.89
N LEU A 20 0.22 2.40 1.76
CA LEU A 20 -0.58 3.25 0.88
C LEU A 20 -0.19 2.96 -0.56
N ARG A 21 -0.97 3.49 -1.50
CA ARG A 21 -0.56 3.49 -2.91
C ARG A 21 -0.91 4.86 -3.49
N LEU A 22 0.11 5.63 -3.87
CA LEU A 22 -0.16 6.96 -4.41
C LEU A 22 -0.25 6.86 -5.92
N SER A 23 -0.97 7.80 -6.53
CA SER A 23 -1.04 7.83 -7.98
C SER A 23 -0.87 9.25 -8.46
N CYS A 24 -0.26 9.39 -9.63
CA CYS A 24 -0.12 10.69 -10.28
C CYS A 24 -0.56 10.51 -11.72
N ALA A 25 -1.69 11.12 -12.05
CA ALA A 25 -2.21 11.11 -13.41
C ALA A 25 -1.72 12.36 -14.13
N ALA A 26 -1.12 12.19 -15.31
CA ALA A 26 -0.54 13.30 -16.06
C ALA A 26 -1.23 13.49 -17.41
N SER A 27 -1.25 14.73 -17.90
CA SER A 27 -1.77 14.93 -19.24
C SER A 27 -0.86 14.23 -20.26
N ASP A 28 -1.41 13.99 -21.45
CA ASP A 28 -0.66 13.23 -22.46
C ASP A 28 0.68 13.88 -22.79
N TYR A 29 0.71 15.20 -22.98
CA TYR A 29 1.96 15.90 -23.29
C TYR A 29 3.05 15.54 -22.29
N ILE A 30 2.70 15.53 -21.01
CA ILE A 30 3.68 15.25 -19.97
C ILE A 30 4.04 13.77 -19.94
N TYR A 31 3.02 12.90 -19.92
CA TYR A 31 3.26 11.49 -19.72
C TYR A 31 4.10 10.88 -20.84
N ARG A 32 3.94 11.35 -22.07
CA ARG A 32 4.62 10.70 -23.17
C ARG A 32 6.13 10.97 -23.18
N ARG A 33 6.61 12.03 -22.55
CA ARG A 33 8.02 12.37 -22.74
C ARG A 33 8.78 12.83 -21.50
N TYR A 34 8.11 13.14 -20.41
CA TYR A 34 8.78 13.70 -19.25
C TYR A 34 9.18 12.62 -18.25
N ARG A 35 10.29 12.87 -17.57
CA ARG A 35 10.60 12.10 -16.38
C ARG A 35 9.59 12.48 -15.31
N MET A 36 9.06 11.47 -14.60
CA MET A 36 8.06 11.71 -13.56
C MET A 36 8.58 11.18 -12.23
N GLY A 37 8.57 12.04 -11.21
CA GLY A 37 9.13 11.70 -9.93
C GLY A 37 8.23 12.06 -8.77
N TRP A 38 8.40 11.33 -7.69
CA TRP A 38 7.80 11.68 -6.43
C TRP A 38 8.85 12.33 -5.53
N TYR A 39 8.45 13.39 -4.86
CA TYR A 39 9.24 14.08 -3.86
C TYR A 39 8.38 14.19 -2.60
N ARG A 40 8.97 14.57 -1.47
CA ARG A 40 8.12 14.75 -0.29
C ARG A 40 8.70 15.85 0.58
N GLN A 41 7.84 16.50 1.36
CA GLN A 41 8.28 17.58 2.25
C GLN A 41 7.49 17.53 3.55
N ALA A 42 8.19 17.41 4.67
CA ALA A 42 7.60 17.56 6.00
C ALA A 42 7.75 19.01 6.50
N PRO A 43 6.85 19.51 7.35
CA PRO A 43 6.95 20.92 7.75
C PRO A 43 8.22 21.20 8.54
N GLY A 44 8.86 22.31 8.20
CA GLY A 44 10.13 22.64 8.79
C GLY A 44 11.33 21.99 8.11
N LYS A 45 11.12 21.11 7.15
CA LYS A 45 12.22 20.42 6.48
C LYS A 45 12.23 20.77 5.01
N GLY A 46 13.35 20.49 4.35
CA GLY A 46 13.42 20.69 2.93
C GLY A 46 12.76 19.57 2.17
N ARG A 47 12.33 19.89 0.96
CA ARG A 47 11.78 18.87 0.09
C ARG A 47 12.87 17.88 -0.33
N GLU A 48 12.51 16.61 -0.50
CA GLU A 48 13.50 15.59 -0.84
C GLU A 48 12.96 14.59 -1.84
N PHE A 49 13.89 14.04 -2.62
CA PHE A 49 13.57 13.01 -3.61
C PHE A 49 13.08 11.73 -2.96
N VAL A 50 12.11 11.07 -3.63
CA VAL A 50 11.63 9.76 -3.21
C VAL A 50 11.89 8.71 -4.30
N ALA A 51 11.35 8.94 -5.51
CA ALA A 51 11.48 7.93 -6.56
C ALA A 51 11.13 8.54 -7.89
N ALA A 52 11.66 7.97 -8.99
CA ALA A 52 11.29 8.52 -10.29
C ALA A 52 11.36 7.43 -11.36
N ILE A 53 10.69 7.70 -12.49
CA ILE A 53 10.53 6.73 -13.59
C ILE A 53 10.42 7.48 -14.92
N SER A 54 10.76 6.79 -16.01
N SER A 54 10.76 6.80 -16.01
CA SER A 54 10.55 7.24 -17.39
CA SER A 54 10.55 7.26 -17.37
C SER A 54 11.53 8.35 -17.78
C SER A 54 11.52 8.37 -17.76
N GLY A 55 11.22 9.10 -18.84
CA GLY A 55 12.09 10.20 -19.23
C GLY A 55 13.44 9.80 -19.81
N GLY A 56 13.63 8.53 -20.15
CA GLY A 56 14.86 8.12 -20.81
C GLY A 56 15.93 7.59 -19.85
N SER A 57 15.65 7.57 -18.55
CA SER A 57 16.56 6.94 -17.60
C SER A 57 15.82 5.86 -16.83
N SER A 58 16.59 5.05 -16.10
N SER A 58 16.59 5.08 -16.08
CA SER A 58 15.94 3.96 -15.40
CA SER A 58 15.98 3.98 -15.34
C SER A 58 15.34 4.41 -14.07
C SER A 58 15.24 4.46 -14.10
N ILE A 59 14.55 3.53 -13.45
CA ILE A 59 13.97 3.85 -12.15
C ILE A 59 15.07 4.17 -11.13
N ASN A 60 14.80 5.15 -10.26
CA ASN A 60 15.74 5.59 -9.22
C ASN A 60 14.96 5.79 -7.93
N TYR A 61 15.55 5.38 -6.79
CA TYR A 61 14.93 5.49 -5.47
C TYR A 61 15.87 6.23 -4.51
N ALA A 62 15.30 7.05 -3.64
CA ALA A 62 16.07 7.58 -2.52
C ALA A 62 16.50 6.45 -1.57
N ASP A 63 17.66 6.63 -0.95
CA ASP A 63 18.14 5.64 0.01
C ASP A 63 17.10 5.35 1.08
N SER A 64 16.38 6.37 1.53
CA SER A 64 15.52 6.20 2.68
C SER A 64 14.27 5.38 2.39
N VAL A 65 13.99 5.04 1.12
CA VAL A 65 12.80 4.27 0.80
C VAL A 65 13.11 3.00 0.03
N LYS A 66 14.37 2.76 -0.30
CA LYS A 66 14.74 1.57 -1.08
C LYS A 66 14.20 0.31 -0.42
N GLY A 67 13.61 -0.58 -1.22
CA GLY A 67 13.07 -1.82 -0.71
C GLY A 67 11.68 -1.73 -0.12
N ARG A 68 11.23 -0.55 0.31
CA ARG A 68 9.92 -0.37 0.91
C ARG A 68 8.91 0.26 -0.05
N PHE A 69 9.36 1.15 -0.93
CA PHE A 69 8.50 1.82 -1.89
C PHE A 69 8.85 1.32 -3.28
N THR A 70 7.85 1.27 -4.16
CA THR A 70 8.06 0.78 -5.52
C THR A 70 7.31 1.69 -6.47
N ILE A 71 7.99 2.21 -7.51
CA ILE A 71 7.35 3.07 -8.49
C ILE A 71 7.06 2.27 -9.75
N SER A 72 5.94 2.58 -10.39
CA SER A 72 5.50 1.90 -11.61
C SER A 72 4.59 2.83 -12.40
N ARG A 73 4.15 2.36 -13.56
CA ARG A 73 3.32 3.20 -14.39
C ARG A 73 2.41 2.32 -15.24
N ASP A 74 1.30 2.93 -15.67
CA ASP A 74 0.29 2.29 -16.51
C ASP A 74 0.06 3.21 -17.70
N ASN A 75 0.58 2.83 -18.87
CA ASN A 75 0.43 3.70 -20.04
C ASN A 75 -1.03 3.85 -20.48
N SER A 76 -1.89 2.86 -20.22
CA SER A 76 -3.28 3.02 -20.60
C SER A 76 -4.02 4.06 -19.75
N LYS A 77 -3.45 4.50 -18.63
CA LYS A 77 -4.07 5.51 -17.79
C LYS A 77 -3.22 6.75 -17.64
N ASN A 78 -2.09 6.84 -18.31
CA ASN A 78 -1.18 7.99 -18.16
C ASN A 78 -0.89 8.27 -16.69
N THR A 79 -0.68 7.21 -15.90
CA THR A 79 -0.57 7.35 -14.46
C THR A 79 0.68 6.65 -13.93
N VAL A 80 1.34 7.28 -12.96
CA VAL A 80 2.49 6.72 -12.25
C VAL A 80 2.03 6.41 -10.84
N TYR A 81 2.46 5.27 -10.30
CA TYR A 81 2.02 4.79 -9.00
C TYR A 81 3.22 4.68 -8.06
N LEU A 82 3.00 4.96 -6.78
CA LEU A 82 4.02 4.73 -5.75
C LEU A 82 3.43 3.80 -4.69
N GLN A 83 3.87 2.55 -4.71
CA GLN A 83 3.39 1.58 -3.74
C GLN A 83 4.23 1.75 -2.48
N MET A 84 3.60 2.10 -1.35
CA MET A 84 4.32 2.47 -0.13
C MET A 84 4.08 1.42 0.95
N ASN A 85 5.13 0.67 1.29
CA ASN A 85 4.98 -0.40 2.28
C ASN A 85 5.82 -0.11 3.52
N SER A 86 5.48 -0.77 4.63
CA SER A 86 6.29 -0.69 5.85
C SER A 86 6.51 0.76 6.29
N LEU A 87 5.42 1.51 6.35
CA LEU A 87 5.53 2.94 6.59
C LEU A 87 5.98 3.23 8.02
N ARG A 88 6.77 4.30 8.16
CA ARG A 88 7.30 4.74 9.43
C ARG A 88 6.75 6.14 9.73
N ALA A 89 6.76 6.52 11.02
CA ALA A 89 6.33 7.88 11.35
C ALA A 89 7.11 8.92 10.56
N GLU A 90 8.42 8.71 10.38
CA GLU A 90 9.21 9.69 9.65
C GLU A 90 8.89 9.77 8.15
N ASP A 91 8.02 8.90 7.63
CA ASP A 91 7.56 9.05 6.25
C ASP A 91 6.41 10.05 6.15
N THR A 92 5.93 10.58 7.28
CA THR A 92 4.88 11.60 7.24
C THR A 92 5.36 12.84 6.49
N ALA A 93 4.58 13.29 5.51
CA ALA A 93 4.98 14.41 4.65
C ALA A 93 3.87 14.65 3.64
N VAL A 94 3.92 15.83 3.01
CA VAL A 94 3.21 16.01 1.74
C VAL A 94 4.04 15.38 0.63
N TYR A 95 3.42 14.50 -0.17
CA TYR A 95 4.05 13.85 -1.31
C TYR A 95 3.60 14.53 -2.60
N TYR A 96 4.59 14.94 -3.41
CA TYR A 96 4.36 15.69 -4.63
C TYR A 96 4.84 14.90 -5.84
N CYS A 97 4.05 14.92 -6.89
CA CYS A 97 4.46 14.44 -8.20
C CYS A 97 5.09 15.59 -8.96
N ALA A 98 6.19 15.32 -9.69
CA ALA A 98 6.84 16.34 -10.49
C ALA A 98 7.17 15.76 -11.85
N ALA A 99 7.20 16.62 -12.85
CA ALA A 99 7.54 16.21 -14.21
C ALA A 99 8.61 17.14 -14.73
N TYR A 100 9.63 16.59 -15.39
CA TYR A 100 10.76 17.42 -15.83
C TYR A 100 11.45 16.76 -17.00
N ARG A 101 11.98 17.61 -17.90
CA ARG A 101 12.59 17.13 -19.15
C ARG A 101 13.71 18.12 -19.46
N ILE A 102 14.83 17.98 -18.77
CA ILE A 102 15.80 19.09 -18.77
C ILE A 102 16.48 19.31 -20.11
N VAL A 103 16.43 18.35 -21.04
CA VAL A 103 17.02 18.57 -22.36
C VAL A 103 16.21 19.54 -23.22
N SER A 104 14.92 19.74 -22.91
CA SER A 104 14.11 20.55 -23.82
C SER A 104 13.19 21.54 -23.15
N ASP A 105 13.05 21.52 -21.84
CA ASP A 105 12.05 22.35 -21.17
C ASP A 105 12.69 22.94 -19.92
N PRO A 106 12.78 24.26 -19.79
CA PRO A 106 13.34 24.88 -18.59
C PRO A 106 12.41 24.91 -17.39
N ARG A 107 11.27 24.23 -17.41
CA ARG A 107 10.31 24.28 -16.33
C ARG A 107 10.20 22.92 -15.65
N VAL A 108 10.08 22.92 -14.32
CA VAL A 108 9.70 21.73 -13.56
C VAL A 108 8.25 21.89 -13.17
N TYR A 109 7.42 20.90 -13.48
CA TYR A 109 5.99 20.98 -13.21
C TYR A 109 5.71 20.19 -11.93
N TRP A 110 4.94 20.79 -11.02
CA TRP A 110 4.61 20.16 -9.75
C TRP A 110 3.09 20.01 -9.59
N GLY A 111 2.67 18.86 -9.04
CA GLY A 111 1.31 18.74 -8.55
C GLY A 111 1.19 19.49 -7.23
N GLN A 112 -0.02 19.56 -6.70
CA GLN A 112 -0.19 20.33 -5.48
C GLN A 112 0.02 19.50 -4.21
N GLY A 113 0.26 18.20 -4.34
CA GLY A 113 0.65 17.37 -3.22
C GLY A 113 -0.51 16.62 -2.59
N THR A 114 -0.19 15.45 -1.99
CA THR A 114 -1.18 14.68 -1.22
C THR A 114 -0.59 14.36 0.15
N GLN A 115 -1.37 14.53 1.22
CA GLN A 115 -0.82 14.36 2.56
C GLN A 115 -0.76 12.89 2.96
N VAL A 116 0.40 12.46 3.46
CA VAL A 116 0.60 11.14 4.03
C VAL A 116 0.94 11.31 5.50
N THR A 117 0.15 10.69 6.39
CA THR A 117 0.40 10.79 7.82
C THR A 117 0.50 9.41 8.39
N VAL A 118 1.58 9.14 9.09
CA VAL A 118 1.83 7.83 9.69
C VAL A 118 1.97 8.09 11.18
N SER A 119 1.00 7.61 11.95
CA SER A 119 0.88 7.96 13.36
C SER A 119 0.27 6.80 14.11
N SER A 120 0.81 6.51 15.30
CA SER A 120 0.24 5.46 16.14
C SER A 120 -0.73 6.04 17.16
N MET B 1 16.22 27.29 -14.26
CA MET B 1 14.91 26.69 -14.51
C MET B 1 13.84 27.31 -13.64
N ALA B 2 12.57 27.09 -13.99
CA ALA B 2 11.47 27.69 -13.26
C ALA B 2 10.52 26.60 -12.73
N GLU B 3 9.92 26.87 -11.58
CA GLU B 3 8.95 25.96 -10.98
C GLU B 3 7.55 26.40 -11.37
N VAL B 4 6.73 25.45 -11.82
CA VAL B 4 5.35 25.70 -12.20
C VAL B 4 4.45 24.86 -11.30
N GLN B 5 3.55 25.51 -10.56
CA GLN B 5 2.65 24.81 -9.66
C GLN B 5 1.37 25.62 -9.50
N LEU B 6 0.22 24.93 -9.47
CA LEU B 6 -1.08 25.53 -9.16
C LEU B 6 -1.67 24.73 -8.02
N VAL B 7 -2.06 25.41 -6.94
CA VAL B 7 -2.59 24.75 -5.74
C VAL B 7 -4.02 25.25 -5.51
N GLU B 8 -4.99 24.36 -5.64
CA GLU B 8 -6.41 24.71 -5.48
C GLU B 8 -6.89 24.38 -4.08
N SER B 9 -7.76 25.23 -3.54
CA SER B 9 -8.43 25.00 -2.28
C SER B 9 -9.87 25.51 -2.37
N GLY B 10 -10.68 25.09 -1.41
CA GLY B 10 -12.01 25.62 -1.30
C GLY B 10 -13.03 24.69 -1.91
N GLY B 11 -14.21 25.24 -2.15
CA GLY B 11 -15.24 24.45 -2.77
C GLY B 11 -16.11 23.77 -1.75
N GLY B 12 -16.72 22.64 -2.11
CA GLY B 12 -17.55 21.89 -1.19
C GLY B 12 -19.03 21.93 -1.54
N LEU B 13 -19.84 21.71 -0.52
CA LEU B 13 -21.29 21.58 -0.63
C LEU B 13 -21.95 22.78 0.01
N VAL B 14 -23.02 23.27 -0.59
CA VAL B 14 -23.71 24.44 -0.05
C VAL B 14 -25.14 24.42 -0.56
N GLN B 15 -26.03 25.02 0.20
CA GLN B 15 -27.43 25.11 -0.21
C GLN B 15 -27.60 26.16 -1.30
N PRO B 16 -28.64 26.03 -2.12
CA PRO B 16 -28.94 27.10 -3.09
C PRO B 16 -29.07 28.43 -2.37
N GLY B 17 -28.51 29.47 -2.99
CA GLY B 17 -28.48 30.79 -2.39
C GLY B 17 -27.27 31.06 -1.54
N GLY B 18 -26.51 30.03 -1.17
CA GLY B 18 -25.36 30.17 -0.30
C GLY B 18 -24.11 30.56 -1.07
N SER B 19 -23.00 30.59 -0.34
CA SER B 19 -21.74 31.09 -0.87
C SER B 19 -20.64 30.08 -0.65
N LEU B 20 -19.69 30.06 -1.58
CA LEU B 20 -18.45 29.30 -1.43
C LEU B 20 -17.33 30.14 -2.01
N ARG B 21 -16.12 29.85 -1.56
N ARG B 21 -16.10 29.80 -1.65
CA ARG B 21 -14.93 30.51 -2.05
CA ARG B 21 -14.94 30.57 -2.08
C ARG B 21 -13.97 29.45 -2.57
C ARG B 21 -13.78 29.65 -2.44
N LEU B 22 -13.29 29.76 -3.68
CA LEU B 22 -12.20 28.93 -4.17
C LEU B 22 -10.93 29.76 -4.18
N SER B 23 -9.78 29.07 -4.07
CA SER B 23 -8.52 29.77 -4.18
C SER B 23 -7.57 28.95 -5.05
N CYS B 24 -6.68 29.67 -5.71
CA CYS B 24 -5.66 29.07 -6.56
C CYS B 24 -4.36 29.81 -6.27
N ALA B 25 -3.42 29.13 -5.63
CA ALA B 25 -2.10 29.70 -5.35
C ALA B 25 -1.13 29.22 -6.40
N ALA B 26 -0.36 30.14 -6.98
CA ALA B 26 0.54 29.84 -8.08
C ALA B 26 1.98 30.08 -7.67
N SER B 27 2.88 29.34 -8.28
CA SER B 27 4.30 29.59 -8.09
C SER B 27 4.66 30.98 -8.64
N ASP B 28 5.78 31.53 -8.17
CA ASP B 28 6.20 32.87 -8.59
C ASP B 28 6.20 33.01 -10.11
N TYR B 29 6.81 32.03 -10.80
CA TYR B 29 6.92 32.10 -12.26
C TYR B 29 5.56 32.33 -12.92
N ILE B 30 4.54 31.61 -12.47
CA ILE B 30 3.20 31.73 -13.04
C ILE B 30 2.56 33.03 -12.60
N TYR B 31 2.61 33.31 -11.30
CA TYR B 31 1.86 34.43 -10.77
C TYR B 31 2.33 35.76 -11.37
N ARG B 32 3.63 35.87 -11.65
CA ARG B 32 4.19 37.15 -12.05
C ARG B 32 3.71 37.57 -13.43
N ARG B 33 3.37 36.63 -14.32
CA ARG B 33 3.11 37.03 -15.70
C ARG B 33 1.87 36.40 -16.34
N TYR B 34 1.33 35.30 -15.83
CA TYR B 34 0.30 34.56 -16.52
C TYR B 34 -1.09 35.08 -16.20
N ARG B 35 -1.98 34.98 -17.19
CA ARG B 35 -3.40 35.11 -16.93
C ARG B 35 -3.85 33.90 -16.12
N MET B 36 -4.65 34.14 -15.09
CA MET B 36 -5.12 33.07 -14.22
C MET B 36 -6.64 33.08 -14.21
N GLY B 37 -7.23 31.90 -14.36
CA GLY B 37 -8.67 31.88 -14.41
C GLY B 37 -9.26 30.58 -13.86
N TRP B 38 -10.58 30.57 -13.83
CA TRP B 38 -11.35 29.41 -13.47
C TRP B 38 -12.23 28.99 -14.64
N TYR B 39 -12.27 27.69 -14.88
CA TYR B 39 -13.16 27.03 -15.81
C TYR B 39 -13.96 26.03 -15.00
N ARG B 40 -15.09 25.55 -15.53
CA ARG B 40 -15.84 24.53 -14.80
C ARG B 40 -16.38 23.51 -15.79
N GLN B 41 -16.58 22.28 -15.31
CA GLN B 41 -17.02 21.21 -16.18
C GLN B 41 -17.97 20.30 -15.42
N ALA B 42 -19.19 20.13 -15.95
CA ALA B 42 -20.20 19.19 -15.50
C ALA B 42 -20.19 17.94 -16.36
N PRO B 43 -20.56 16.78 -15.82
CA PRO B 43 -20.55 15.54 -16.60
C PRO B 43 -21.28 15.66 -17.93
N GLY B 44 -20.64 15.22 -19.01
CA GLY B 44 -21.22 15.27 -20.33
C GLY B 44 -21.09 16.60 -21.04
N LYS B 45 -20.77 17.68 -20.34
CA LYS B 45 -20.71 19.00 -20.94
C LYS B 45 -19.25 19.39 -21.19
N GLY B 46 -19.09 20.36 -22.07
CA GLY B 46 -17.76 20.90 -22.30
C GLY B 46 -17.31 21.77 -21.15
N ARG B 47 -16.00 21.85 -20.98
CA ARG B 47 -15.43 22.75 -20.00
C ARG B 47 -15.71 24.18 -20.42
N GLU B 48 -16.09 25.03 -19.47
CA GLU B 48 -16.53 26.37 -19.81
C GLU B 48 -15.89 27.42 -18.92
N PHE B 49 -15.66 28.59 -19.52
CA PHE B 49 -15.04 29.72 -18.85
C PHE B 49 -15.94 30.21 -17.71
N VAL B 50 -15.31 30.59 -16.59
CA VAL B 50 -16.01 31.21 -15.47
C VAL B 50 -15.52 32.64 -15.23
N ALA B 51 -14.21 32.80 -14.97
CA ALA B 51 -13.70 34.13 -14.65
C ALA B 51 -12.18 34.12 -14.78
N ALA B 52 -11.60 35.30 -15.04
CA ALA B 52 -10.14 35.34 -15.12
C ALA B 52 -9.62 36.72 -14.76
N ILE B 53 -8.32 36.77 -14.45
CA ILE B 53 -7.68 37.98 -13.94
C ILE B 53 -6.21 37.97 -14.36
N SER B 54 -5.63 39.17 -14.41
N SER B 54 -5.65 39.18 -14.43
CA SER B 54 -4.19 39.37 -14.61
CA SER B 54 -4.22 39.41 -14.66
C SER B 54 -3.76 39.06 -16.04
C SER B 54 -3.76 39.06 -16.08
N GLY B 55 -2.46 38.87 -16.25
CA GLY B 55 -1.93 38.61 -17.59
C GLY B 55 -2.07 39.75 -18.58
N GLY B 56 -2.27 40.99 -18.12
CA GLY B 56 -2.32 42.11 -19.05
C GLY B 56 -3.68 42.43 -19.61
N SER B 57 -4.72 41.78 -19.09
CA SER B 57 -6.08 41.86 -19.60
C SER B 57 -6.95 42.18 -18.40
N SER B 58 -8.05 42.89 -18.65
N SER B 58 -8.05 42.90 -18.63
CA SER B 58 -8.96 43.21 -17.55
CA SER B 58 -8.93 43.21 -17.51
C SER B 58 -9.66 41.94 -17.05
C SER B 58 -9.67 41.96 -17.06
N ILE B 59 -10.27 42.06 -15.87
CA ILE B 59 -11.10 40.95 -15.37
C ILE B 59 -12.22 40.65 -16.37
N ASN B 60 -12.52 39.37 -16.55
CA ASN B 60 -13.57 38.91 -17.45
C ASN B 60 -14.37 37.83 -16.75
N TYR B 61 -15.69 37.87 -16.93
CA TYR B 61 -16.62 36.91 -16.33
C TYR B 61 -17.49 36.26 -17.38
N ALA B 62 -17.87 35.01 -17.15
CA ALA B 62 -18.98 34.44 -17.91
C ALA B 62 -20.26 35.23 -17.62
N ASP B 63 -21.10 35.39 -18.65
CA ASP B 63 -22.37 36.07 -18.47
C ASP B 63 -23.23 35.39 -17.41
N SER B 64 -23.12 34.07 -17.27
CA SER B 64 -24.01 33.34 -16.37
C SER B 64 -23.62 33.50 -14.90
N VAL B 65 -22.47 34.07 -14.60
CA VAL B 65 -22.02 34.26 -13.23
C VAL B 65 -21.80 35.71 -12.88
N LYS B 66 -21.87 36.61 -13.86
CA LYS B 66 -21.60 38.01 -13.63
C LYS B 66 -22.61 38.58 -12.64
N GLY B 67 -22.10 39.35 -11.67
CA GLY B 67 -22.94 39.87 -10.62
C GLY B 67 -23.15 38.94 -9.45
N ARG B 68 -22.73 37.68 -9.55
CA ARG B 68 -22.78 36.69 -8.49
C ARG B 68 -21.41 36.23 -8.05
N PHE B 69 -20.49 36.05 -8.99
CA PHE B 69 -19.13 35.65 -8.70
C PHE B 69 -18.19 36.83 -8.86
N THR B 70 -17.15 36.91 -8.02
N THR B 70 -17.17 36.91 -8.00
CA THR B 70 -16.16 37.96 -8.20
CA THR B 70 -16.13 37.93 -8.12
C THR B 70 -14.76 37.39 -7.99
C THR B 70 -14.75 37.29 -8.03
N ILE B 71 -13.85 37.73 -8.89
CA ILE B 71 -12.48 37.26 -8.87
C ILE B 71 -11.59 38.37 -8.36
N SER B 72 -10.57 38.00 -7.58
CA SER B 72 -9.63 38.94 -6.99
C SER B 72 -8.32 38.22 -6.73
N ARG B 73 -7.31 38.97 -6.32
N ARG B 73 -7.30 38.99 -6.35
CA ARG B 73 -6.03 38.34 -6.06
CA ARG B 73 -5.96 38.44 -6.15
C ARG B 73 -5.35 39.00 -4.87
C ARG B 73 -5.32 39.03 -4.90
N ASP B 74 -4.39 38.27 -4.31
CA ASP B 74 -3.61 38.70 -3.15
C ASP B 74 -2.14 38.57 -3.55
N ASN B 75 -1.51 39.67 -3.93
CA ASN B 75 -0.17 39.60 -4.54
C ASN B 75 0.87 39.06 -3.57
N SER B 76 0.66 39.21 -2.26
CA SER B 76 1.61 38.75 -1.26
C SER B 76 1.45 37.27 -0.91
N LYS B 77 0.41 36.61 -1.40
CA LYS B 77 0.27 35.17 -1.25
C LYS B 77 0.29 34.46 -2.60
N ASN B 78 0.50 35.20 -3.68
CA ASN B 78 0.49 34.63 -5.03
C ASN B 78 -0.81 33.88 -5.30
N THR B 79 -1.93 34.41 -4.78
CA THR B 79 -3.18 33.64 -4.80
C THR B 79 -4.31 34.43 -5.46
N VAL B 80 -5.11 33.72 -6.26
N VAL B 80 -5.11 33.77 -6.31
CA VAL B 80 -6.33 34.23 -6.87
CA VAL B 80 -6.33 34.35 -6.85
C VAL B 80 -7.51 33.61 -6.13
C VAL B 80 -7.53 33.63 -6.26
N TYR B 81 -8.55 34.40 -5.94
CA TYR B 81 -9.76 33.92 -5.26
C TYR B 81 -10.98 34.06 -6.16
N LEU B 82 -11.89 33.10 -6.07
CA LEU B 82 -13.20 33.20 -6.73
C LEU B 82 -14.24 33.15 -5.63
N GLN B 83 -14.88 34.30 -5.38
CA GLN B 83 -15.98 34.36 -4.42
C GLN B 83 -17.28 34.07 -5.16
N MET B 84 -18.00 33.02 -4.73
CA MET B 84 -19.21 32.56 -5.42
C MET B 84 -20.41 32.79 -4.50
N ASN B 85 -21.23 33.80 -4.81
CA ASN B 85 -22.43 34.08 -4.04
C ASN B 85 -23.66 33.68 -4.85
N SER B 86 -24.79 33.62 -4.15
CA SER B 86 -26.07 33.36 -4.81
C SER B 86 -26.01 32.08 -5.66
N LEU B 87 -25.45 31.02 -5.08
CA LEU B 87 -25.19 29.82 -5.86
C LEU B 87 -26.49 29.12 -6.23
N ARG B 88 -26.50 28.51 -7.42
CA ARG B 88 -27.67 27.83 -7.95
C ARG B 88 -27.28 26.42 -8.37
N ALA B 89 -28.29 25.54 -8.44
CA ALA B 89 -28.06 24.16 -8.83
C ALA B 89 -27.20 24.05 -10.10
N GLU B 90 -27.44 24.93 -11.08
CA GLU B 90 -26.69 24.92 -12.33
C GLU B 90 -25.21 25.23 -12.14
N ASP B 91 -24.79 25.70 -10.97
CA ASP B 91 -23.39 25.98 -10.72
C ASP B 91 -22.61 24.76 -10.24
N THR B 92 -23.29 23.63 -10.03
CA THR B 92 -22.62 22.40 -9.62
C THR B 92 -21.72 21.91 -10.75
N ALA B 93 -20.45 21.66 -10.43
CA ALA B 93 -19.42 21.32 -11.43
C ALA B 93 -18.08 21.12 -10.74
N VAL B 94 -17.14 20.53 -11.47
CA VAL B 94 -15.74 20.55 -11.08
C VAL B 94 -15.13 21.85 -11.59
N TYR B 95 -14.56 22.65 -10.69
CA TYR B 95 -13.96 23.93 -11.06
C TYR B 95 -12.45 23.74 -11.16
N TYR B 96 -11.85 24.24 -12.25
CA TYR B 96 -10.42 24.11 -12.45
C TYR B 96 -9.78 25.48 -12.50
N CYS B 97 -8.67 25.64 -11.79
CA CYS B 97 -7.80 26.79 -11.97
C CYS B 97 -6.93 26.55 -13.20
N ALA B 98 -6.64 27.61 -13.94
CA ALA B 98 -5.80 27.50 -15.13
C ALA B 98 -4.92 28.72 -15.22
N ALA B 99 -3.76 28.56 -15.85
CA ALA B 99 -2.85 29.68 -16.08
C ALA B 99 -2.37 29.57 -17.51
N TYR B 100 -2.27 30.71 -18.20
CA TYR B 100 -1.89 30.68 -19.61
C TYR B 100 -1.32 32.04 -19.99
N ARG B 101 -0.40 32.03 -20.97
CA ARG B 101 0.23 33.27 -21.43
C ARG B 101 0.51 33.09 -22.91
N ILE B 102 -0.47 33.45 -23.75
CA ILE B 102 -0.36 33.01 -25.14
C ILE B 102 0.70 33.77 -25.91
N VAL B 103 1.19 34.90 -25.40
CA VAL B 103 2.24 35.62 -26.12
C VAL B 103 3.60 34.95 -25.95
N SER B 104 3.79 34.06 -24.97
CA SER B 104 5.15 33.59 -24.73
C SER B 104 5.28 32.09 -24.49
N ASP B 105 4.22 31.39 -24.10
CA ASP B 105 4.32 30.02 -23.61
C ASP B 105 3.30 29.17 -24.35
N PRO B 106 3.71 28.11 -25.03
CA PRO B 106 2.73 27.29 -25.75
C PRO B 106 2.03 26.25 -24.90
N ARG B 107 2.03 26.39 -23.58
CA ARG B 107 1.33 25.46 -22.70
C ARG B 107 0.23 26.15 -21.91
N VAL B 108 -0.83 25.41 -21.62
CA VAL B 108 -1.85 25.83 -20.67
C VAL B 108 -1.66 24.96 -19.44
N TYR B 109 -1.62 25.57 -18.26
CA TYR B 109 -1.45 24.82 -17.01
C TYR B 109 -2.80 24.68 -16.31
N TRP B 110 -3.13 23.45 -15.88
CA TRP B 110 -4.41 23.15 -15.25
C TRP B 110 -4.19 22.63 -13.84
N GLY B 111 -4.97 23.18 -12.90
CA GLY B 111 -5.07 22.59 -11.59
C GLY B 111 -5.81 21.25 -11.58
N GLN B 112 -5.88 20.66 -10.39
CA GLN B 112 -6.44 19.32 -10.22
C GLN B 112 -7.95 19.29 -10.36
N GLY B 113 -8.63 20.41 -10.17
CA GLY B 113 -10.08 20.42 -10.15
C GLY B 113 -10.66 20.28 -8.74
N THR B 114 -11.71 21.05 -8.45
CA THR B 114 -12.34 21.03 -7.13
C THR B 114 -13.85 20.98 -7.30
N GLN B 115 -14.47 20.03 -6.62
CA GLN B 115 -15.92 19.86 -6.75
C GLN B 115 -16.64 20.98 -6.00
N VAL B 116 -17.62 21.56 -6.65
CA VAL B 116 -18.57 22.50 -6.07
C VAL B 116 -19.95 21.92 -6.29
N THR B 117 -20.70 21.69 -5.19
CA THR B 117 -21.99 21.03 -5.24
C THR B 117 -23.01 21.91 -4.54
N VAL B 118 -24.03 22.34 -5.28
CA VAL B 118 -25.10 23.15 -4.75
C VAL B 118 -26.32 22.24 -4.62
N SER B 119 -26.79 22.03 -3.39
CA SER B 119 -27.78 21.00 -3.14
C SER B 119 -28.66 21.39 -1.95
N SER B 120 -29.96 21.12 -2.09
CA SER B 120 -30.93 21.32 -1.02
C SER B 120 -31.00 20.15 -0.06
N LEU B 121 -29.99 19.28 -0.06
CA LEU B 121 -30.02 18.08 0.75
C LEU B 121 -28.95 18.13 1.84
N MET C 1 -35.29 0.53 7.75
CA MET C 1 -34.53 -0.38 6.88
C MET C 1 -33.06 -0.01 6.78
N ALA C 2 -32.26 -0.89 6.19
CA ALA C 2 -30.82 -0.63 6.06
C ALA C 2 -30.38 -0.76 4.61
N GLU C 3 -29.37 0.01 4.23
CA GLU C 3 -28.80 -0.06 2.89
C GLU C 3 -27.56 -0.96 2.90
N VAL C 4 -27.44 -1.83 1.91
CA VAL C 4 -26.30 -2.72 1.74
C VAL C 4 -25.67 -2.44 0.38
N GLN C 5 -24.40 -2.04 0.38
CA GLN C 5 -23.66 -1.78 -0.85
C GLN C 5 -22.20 -2.12 -0.63
N LEU C 6 -21.58 -2.79 -1.61
CA LEU C 6 -20.15 -3.10 -1.60
C LEU C 6 -19.60 -2.70 -2.96
N VAL C 7 -18.54 -1.88 -2.97
CA VAL C 7 -18.04 -1.32 -4.22
C VAL C 7 -16.52 -1.53 -4.26
N GLU C 8 -16.07 -2.36 -5.17
CA GLU C 8 -14.65 -2.68 -5.30
C GLU C 8 -13.97 -1.78 -6.31
N SER C 9 -12.69 -1.54 -6.08
CA SER C 9 -11.90 -0.86 -7.10
C SER C 9 -10.44 -1.23 -6.92
N GLY C 10 -9.63 -0.80 -7.89
CA GLY C 10 -8.18 -0.95 -7.83
C GLY C 10 -7.58 -2.07 -8.66
N GLY C 11 -8.39 -2.83 -9.40
CA GLY C 11 -7.81 -3.88 -10.22
C GLY C 11 -7.07 -3.31 -11.42
N GLY C 12 -6.37 -4.19 -12.12
CA GLY C 12 -5.71 -3.79 -13.35
C GLY C 12 -4.75 -4.87 -13.83
N LEU C 13 -3.93 -4.51 -14.82
CA LEU C 13 -2.97 -5.40 -15.45
C LEU C 13 -1.58 -4.97 -14.99
N VAL C 14 -0.81 -5.90 -14.42
CA VAL C 14 0.57 -5.64 -14.01
C VAL C 14 1.44 -6.81 -14.45
N GLN C 15 2.74 -6.61 -14.34
CA GLN C 15 3.66 -7.67 -14.65
C GLN C 15 4.01 -8.45 -13.39
N PRO C 16 4.51 -9.68 -13.54
CA PRO C 16 4.99 -10.40 -12.36
C PRO C 16 6.01 -9.60 -11.58
N GLY C 17 5.86 -9.61 -10.26
CA GLY C 17 6.61 -8.77 -9.35
C GLY C 17 5.99 -7.41 -9.09
N GLY C 18 4.95 -7.05 -9.84
CA GLY C 18 4.28 -5.79 -9.65
C GLY C 18 3.36 -5.77 -8.45
N SER C 19 2.54 -4.72 -8.38
CA SER C 19 1.74 -4.49 -7.20
C SER C 19 0.48 -3.72 -7.55
N LEU C 20 -0.50 -3.84 -6.65
CA LEU C 20 -1.81 -3.21 -6.75
C LEU C 20 -2.28 -2.88 -5.34
N ARG C 21 -3.34 -2.07 -5.25
CA ARG C 21 -4.03 -1.89 -3.97
C ARG C 21 -5.52 -1.91 -4.25
N LEU C 22 -6.21 -2.92 -3.74
CA LEU C 22 -7.66 -2.99 -3.94
C LEU C 22 -8.37 -2.28 -2.81
N SER C 23 -9.58 -1.82 -3.08
N SER C 23 -9.57 -1.77 -3.11
CA SER C 23 -10.38 -1.23 -2.02
CA SER C 23 -10.44 -1.12 -2.13
C SER C 23 -11.82 -1.66 -2.16
C SER C 23 -11.81 -1.79 -2.17
N CYS C 24 -12.46 -1.84 -1.02
CA CYS C 24 -13.87 -2.21 -0.95
C CYS C 24 -14.56 -1.23 -0.02
N ALA C 25 -15.36 -0.36 -0.60
CA ALA C 25 -16.11 0.60 0.20
C ALA C 25 -17.48 0.02 0.52
N ALA C 26 -17.82 -0.01 1.79
CA ALA C 26 -19.07 -0.60 2.23
C ALA C 26 -20.02 0.44 2.81
N SER C 27 -21.33 0.16 2.71
CA SER C 27 -22.29 0.99 3.42
C SER C 27 -22.05 0.89 4.92
N ASP C 28 -22.54 1.92 5.62
CA ASP C 28 -22.30 2.01 7.06
C ASP C 28 -22.87 0.80 7.81
N TYR C 29 -24.06 0.34 7.43
CA TYR C 29 -24.66 -0.82 8.08
C TYR C 29 -23.74 -2.04 8.01
N ILE C 30 -23.13 -2.26 6.85
CA ILE C 30 -22.23 -3.39 6.67
C ILE C 30 -20.91 -3.16 7.40
N TYR C 31 -20.33 -1.97 7.21
CA TYR C 31 -18.99 -1.72 7.75
C TYR C 31 -18.96 -1.80 9.28
N ARG C 32 -20.04 -1.34 9.93
CA ARG C 32 -20.05 -1.27 11.38
C ARG C 32 -20.05 -2.65 12.05
N ARG C 33 -20.56 -3.69 11.39
CA ARG C 33 -20.78 -4.93 12.12
C ARG C 33 -20.33 -6.20 11.43
N TYR C 34 -20.07 -6.21 10.14
CA TYR C 34 -19.83 -7.44 9.42
C TYR C 34 -18.33 -7.74 9.30
N ARG C 35 -18.01 -9.03 9.27
CA ARG C 35 -16.69 -9.42 8.79
C ARG C 35 -16.62 -9.12 7.31
N MET C 36 -15.49 -8.58 6.87
CA MET C 36 -15.30 -8.20 5.48
C MET C 36 -14.07 -8.92 4.94
N GLY C 37 -14.25 -9.62 3.83
CA GLY C 37 -13.19 -10.45 3.30
C GLY C 37 -13.00 -10.24 1.80
N TRP C 38 -11.79 -10.54 1.37
CA TRP C 38 -11.50 -10.67 -0.05
C TRP C 38 -11.43 -12.15 -0.43
N TYR C 39 -12.08 -12.49 -1.55
CA TYR C 39 -12.04 -13.80 -2.17
C TYR C 39 -11.59 -13.61 -3.60
N ARG C 40 -11.14 -14.68 -4.27
CA ARG C 40 -10.82 -14.52 -5.67
C ARG C 40 -11.24 -15.75 -6.44
N GLN C 41 -11.55 -15.55 -7.72
CA GLN C 41 -11.93 -16.67 -8.58
C GLN C 41 -11.32 -16.46 -9.96
N ALA C 42 -10.52 -17.43 -10.38
CA ALA C 42 -10.05 -17.51 -11.76
C ALA C 42 -11.11 -18.19 -12.63
N PRO C 43 -11.30 -17.75 -13.87
CA PRO C 43 -12.37 -18.32 -14.70
C PRO C 43 -12.13 -19.81 -14.91
N GLY C 44 -13.22 -20.58 -14.77
CA GLY C 44 -13.12 -22.02 -14.81
C GLY C 44 -12.72 -22.69 -13.51
N LYS C 45 -12.37 -21.93 -12.48
CA LYS C 45 -11.92 -22.48 -11.21
C LYS C 45 -12.87 -22.06 -10.09
N GLY C 46 -12.67 -22.66 -8.91
CA GLY C 46 -13.53 -22.37 -7.79
C GLY C 46 -13.06 -21.13 -7.05
N ARG C 47 -14.00 -20.45 -6.41
CA ARG C 47 -13.67 -19.27 -5.63
C ARG C 47 -12.88 -19.68 -4.40
N GLU C 48 -11.92 -18.84 -3.98
CA GLU C 48 -11.11 -19.16 -2.81
C GLU C 48 -10.87 -17.94 -1.94
N PHE C 49 -10.65 -18.20 -0.66
CA PHE C 49 -10.42 -17.15 0.33
C PHE C 49 -9.07 -16.49 0.15
N VAL C 50 -9.01 -15.17 0.38
CA VAL C 50 -7.75 -14.43 0.28
C VAL C 50 -7.37 -13.81 1.63
N ALA C 51 -8.23 -12.96 2.20
CA ALA C 51 -7.92 -12.28 3.46
C ALA C 51 -9.20 -11.73 4.06
N ALA C 52 -9.25 -11.58 5.39
CA ALA C 52 -10.41 -10.93 5.96
C ALA C 52 -10.07 -10.20 7.25
N ILE C 53 -10.98 -9.32 7.65
CA ILE C 53 -10.76 -8.41 8.78
C ILE C 53 -12.10 -8.11 9.44
N SER C 54 -12.04 -7.74 10.72
CA SER C 54 -13.21 -7.27 11.47
C SER C 54 -14.23 -8.36 11.82
N GLY C 55 -15.43 -7.97 12.25
CA GLY C 55 -16.44 -8.97 12.59
C GLY C 55 -16.19 -9.81 13.83
N GLY C 56 -15.29 -9.39 14.71
CA GLY C 56 -15.08 -10.14 15.94
C GLY C 56 -14.02 -11.22 15.88
N SER C 57 -13.35 -11.39 14.75
CA SER C 57 -12.19 -12.27 14.72
C SER C 57 -10.99 -11.52 14.20
N SER C 58 -9.82 -12.14 14.41
N SER C 58 -9.81 -12.10 14.43
CA SER C 58 -8.55 -11.56 14.00
CA SER C 58 -8.58 -11.45 14.01
C SER C 58 -8.41 -11.56 12.47
C SER C 58 -8.41 -11.53 12.49
N ILE C 59 -7.43 -10.78 11.99
CA ILE C 59 -7.12 -10.83 10.56
C ILE C 59 -6.69 -12.25 10.19
N ASN C 60 -7.12 -12.71 9.01
CA ASN C 60 -6.76 -14.05 8.57
C ASN C 60 -6.37 -13.94 7.10
N TYR C 61 -5.38 -14.72 6.69
CA TYR C 61 -4.89 -14.74 5.31
C TYR C 61 -4.83 -16.17 4.78
N ALA C 62 -5.12 -16.31 3.49
CA ALA C 62 -4.79 -17.57 2.82
C ALA C 62 -3.28 -17.80 2.86
N ASP C 63 -2.89 -19.07 2.98
CA ASP C 63 -1.47 -19.39 3.08
C ASP C 63 -0.70 -18.91 1.86
N SER C 64 -1.35 -18.92 0.70
CA SER C 64 -0.64 -18.60 -0.53
C SER C 64 -0.39 -17.11 -0.72
N VAL C 65 -1.01 -16.26 0.09
CA VAL C 65 -0.77 -14.82 0.00
C VAL C 65 -0.12 -14.26 1.24
N LYS C 66 0.07 -15.05 2.30
CA LYS C 66 0.70 -14.58 3.52
C LYS C 66 2.04 -13.90 3.22
N GLY C 67 2.24 -12.72 3.82
CA GLY C 67 3.48 -12.01 3.66
C GLY C 67 3.60 -11.18 2.38
N ARG C 68 2.72 -11.39 1.41
CA ARG C 68 2.69 -10.59 0.18
C ARG C 68 1.52 -9.63 0.14
N PHE C 69 0.36 -10.03 0.65
CA PHE C 69 -0.82 -9.19 0.69
C PHE C 69 -1.10 -8.80 2.13
N THR C 70 -1.61 -7.58 2.31
CA THR C 70 -1.89 -7.04 3.63
C THR C 70 -3.28 -6.41 3.61
N ILE C 71 -4.14 -6.82 4.52
CA ILE C 71 -5.49 -6.24 4.60
C ILE C 71 -5.53 -5.20 5.71
N SER C 72 -6.30 -4.12 5.50
CA SER C 72 -6.37 -3.03 6.47
C SER C 72 -7.71 -2.31 6.27
N ARG C 73 -7.98 -1.31 7.12
CA ARG C 73 -9.25 -0.62 6.97
C ARG C 73 -9.11 0.82 7.44
N ASP C 74 -10.00 1.68 6.93
CA ASP C 74 -10.06 3.09 7.30
C ASP C 74 -11.49 3.40 7.72
N ASN C 75 -11.69 3.58 9.02
CA ASN C 75 -13.04 3.80 9.52
C ASN C 75 -13.63 5.11 9.00
N SER C 76 -12.79 6.12 8.71
CA SER C 76 -13.34 7.39 8.24
C SER C 76 -13.93 7.29 6.84
N LYS C 77 -13.57 6.24 6.08
CA LYS C 77 -14.04 6.02 4.73
C LYS C 77 -14.87 4.76 4.57
N ASN C 78 -15.20 4.05 5.66
CA ASN C 78 -15.87 2.75 5.61
C ASN C 78 -15.32 1.84 4.51
N THR C 79 -13.99 1.77 4.39
CA THR C 79 -13.33 1.07 3.32
C THR C 79 -12.30 0.09 3.87
N VAL C 80 -12.21 -1.08 3.23
N VAL C 80 -12.25 -1.11 3.31
CA VAL C 80 -11.21 -2.11 3.51
CA VAL C 80 -11.15 -2.00 3.58
C VAL C 80 -10.28 -2.20 2.31
C VAL C 80 -10.23 -1.96 2.37
N TYR C 81 -8.98 -2.32 2.57
CA TYR C 81 -7.96 -2.28 1.53
C TYR C 81 -7.20 -3.59 1.51
N LEU C 82 -6.78 -3.98 0.31
CA LEU C 82 -5.86 -5.12 0.14
C LEU C 82 -4.61 -4.63 -0.62
N GLN C 83 -3.53 -4.47 0.10
CA GLN C 83 -2.24 -4.08 -0.49
C GLN C 83 -1.63 -5.35 -1.04
N MET C 84 -1.45 -5.42 -2.37
CA MET C 84 -1.00 -6.66 -3.03
C MET C 84 0.41 -6.44 -3.57
N ASN C 85 1.40 -7.10 -2.97
CA ASN C 85 2.80 -6.92 -3.38
C ASN C 85 3.32 -8.22 -3.99
N SER C 86 4.42 -8.12 -4.71
CA SER C 86 5.11 -9.29 -5.25
C SER C 86 4.15 -10.20 -6.02
N LEU C 87 3.39 -9.61 -6.95
CA LEU C 87 2.34 -10.36 -7.62
C LEU C 87 2.92 -11.43 -8.53
N ARG C 88 2.20 -12.55 -8.64
CA ARG C 88 2.58 -13.69 -9.45
C ARG C 88 1.50 -13.96 -10.49
N ALA C 89 1.89 -14.61 -11.59
CA ALA C 89 0.91 -14.94 -12.63
C ALA C 89 -0.30 -15.65 -12.03
N GLU C 90 -0.07 -16.56 -11.09
CA GLU C 90 -1.21 -17.31 -10.55
C GLU C 90 -2.06 -16.51 -9.56
N ASP C 91 -1.74 -15.25 -9.31
CA ASP C 91 -2.66 -14.38 -8.62
C ASP C 91 -3.73 -13.81 -9.56
N THR C 92 -3.64 -14.08 -10.85
CA THR C 92 -4.65 -13.58 -11.79
C THR C 92 -6.02 -14.15 -11.45
N ALA C 93 -7.02 -13.28 -11.32
CA ALA C 93 -8.36 -13.73 -10.93
C ALA C 93 -9.27 -12.51 -10.88
N VAL C 94 -10.58 -12.76 -10.76
CA VAL C 94 -11.49 -11.71 -10.31
C VAL C 94 -11.45 -11.72 -8.79
N TYR C 95 -11.23 -10.53 -8.20
CA TYR C 95 -11.20 -10.38 -6.73
C TYR C 95 -12.51 -9.79 -6.25
N TYR C 96 -13.14 -10.45 -5.28
CA TYR C 96 -14.43 -10.05 -4.76
C TYR C 96 -14.32 -9.65 -3.29
N CYS C 97 -14.99 -8.56 -2.95
CA CYS C 97 -15.24 -8.19 -1.56
C CYS C 97 -16.50 -8.90 -1.08
N ALA C 98 -16.48 -9.44 0.14
CA ALA C 98 -17.68 -10.05 0.70
C ALA C 98 -17.87 -9.59 2.13
N ALA C 99 -19.13 -9.65 2.58
CA ALA C 99 -19.45 -9.28 3.95
C ALA C 99 -20.39 -10.32 4.53
N TYR C 100 -20.11 -10.74 5.75
CA TYR C 100 -20.89 -11.82 6.36
C TYR C 100 -20.87 -11.69 7.86
N ARG C 101 -21.95 -12.19 8.50
CA ARG C 101 -22.07 -12.10 9.95
C ARG C 101 -22.90 -13.30 10.39
N ILE C 102 -22.26 -14.46 10.56
CA ILE C 102 -23.05 -15.69 10.64
C ILE C 102 -23.84 -15.83 11.92
N VAL C 103 -23.55 -15.03 12.96
CA VAL C 103 -24.36 -15.10 14.16
C VAL C 103 -25.71 -14.46 14.00
N SER C 104 -25.92 -13.59 13.00
CA SER C 104 -27.17 -12.82 13.00
C SER C 104 -27.81 -12.60 11.65
N ASP C 105 -27.17 -12.98 10.56
CA ASP C 105 -27.70 -12.70 9.24
C ASP C 105 -27.49 -13.95 8.38
N PRO C 106 -28.54 -14.55 7.81
CA PRO C 106 -28.33 -15.74 6.98
C PRO C 106 -27.87 -15.44 5.56
N ARG C 107 -27.42 -14.24 5.26
CA ARG C 107 -26.99 -13.89 3.92
C ARG C 107 -25.50 -13.54 3.89
N VAL C 108 -24.85 -13.90 2.79
CA VAL C 108 -23.50 -13.43 2.48
C VAL C 108 -23.63 -12.40 1.37
N TYR C 109 -23.03 -11.22 1.55
CA TYR C 109 -23.14 -10.17 0.54
C TYR C 109 -21.85 -10.11 -0.27
N TRP C 110 -21.99 -10.00 -1.59
CA TRP C 110 -20.83 -10.02 -2.50
C TRP C 110 -20.83 -8.78 -3.38
N GLY C 111 -19.65 -8.17 -3.55
CA GLY C 111 -19.46 -7.18 -4.59
C GLY C 111 -19.43 -7.86 -5.95
N GLN C 112 -19.36 -7.06 -6.99
CA GLN C 112 -19.40 -7.68 -8.29
C GLN C 112 -18.02 -8.00 -8.85
N GLY C 113 -16.95 -7.62 -8.16
CA GLY C 113 -15.61 -8.07 -8.44
C GLY C 113 -14.80 -7.11 -9.31
N THR C 114 -13.48 -7.20 -9.16
CA THR C 114 -12.55 -6.40 -9.95
C THR C 114 -11.46 -7.31 -10.49
N GLN C 115 -11.12 -7.12 -11.77
CA GLN C 115 -10.18 -8.03 -12.44
C GLN C 115 -8.74 -7.67 -12.10
N VAL C 116 -7.96 -8.69 -11.75
CA VAL C 116 -6.52 -8.54 -11.55
C VAL C 116 -5.84 -9.48 -12.52
N THR C 117 -4.97 -8.96 -13.39
CA THR C 117 -4.26 -9.80 -14.32
C THR C 117 -2.77 -9.54 -14.18
N VAL C 118 -2.00 -10.60 -13.96
CA VAL C 118 -0.57 -10.52 -13.78
C VAL C 118 0.06 -11.31 -14.92
N SER C 119 0.73 -10.61 -15.84
CA SER C 119 1.19 -11.24 -17.08
C SER C 119 2.40 -10.51 -17.64
N SER C 120 3.31 -11.27 -18.25
CA SER C 120 4.50 -10.70 -18.88
C SER C 120 4.15 -10.06 -20.22
N LEU C 121 4.86 -9.00 -20.57
CA LEU C 121 4.61 -8.32 -21.83
C LEU C 121 5.26 -9.04 -23.00
N MET D 1 -27.81 -20.67 4.28
CA MET D 1 -27.61 -19.25 4.06
C MET D 1 -27.91 -18.89 2.62
N ALA D 2 -27.99 -17.62 2.31
CA ALA D 2 -28.24 -17.20 0.94
C ALA D 2 -27.13 -16.27 0.50
N GLU D 3 -26.88 -16.27 -0.80
CA GLU D 3 -25.89 -15.42 -1.41
C GLU D 3 -26.60 -14.25 -2.07
N VAL D 4 -26.15 -13.03 -1.80
CA VAL D 4 -26.71 -11.80 -2.37
C VAL D 4 -25.65 -11.12 -3.22
N GLN D 5 -25.96 -10.91 -4.51
CA GLN D 5 -25.01 -10.21 -5.38
C GLN D 5 -25.79 -9.51 -6.48
N LEU D 6 -25.37 -8.29 -6.81
CA LEU D 6 -25.87 -7.55 -7.96
C LEU D 6 -24.69 -7.20 -8.84
N VAL D 7 -24.75 -7.52 -10.13
CA VAL D 7 -23.66 -7.27 -11.08
C VAL D 7 -24.17 -6.35 -12.19
N GLU D 8 -23.65 -5.11 -12.23
CA GLU D 8 -24.05 -4.13 -13.24
C GLU D 8 -23.11 -4.18 -14.43
N SER D 9 -23.66 -3.92 -15.60
CA SER D 9 -22.83 -3.69 -16.77
C SER D 9 -23.58 -2.82 -17.77
N GLY D 10 -22.85 -2.38 -18.77
CA GLY D 10 -23.39 -1.53 -19.82
C GLY D 10 -23.14 -0.07 -19.53
N GLY D 11 -23.90 0.77 -20.19
CA GLY D 11 -23.78 2.20 -19.97
C GLY D 11 -22.67 2.80 -20.80
N GLY D 12 -22.20 3.96 -20.37
CA GLY D 12 -21.12 4.64 -21.06
C GLY D 12 -21.54 5.93 -21.74
N LEU D 13 -20.87 6.25 -22.84
CA LEU D 13 -21.06 7.51 -23.52
C LEU D 13 -21.91 7.29 -24.77
N VAL D 14 -22.81 8.24 -25.04
CA VAL D 14 -23.68 8.16 -26.20
C VAL D 14 -24.09 9.57 -26.60
N GLN D 15 -24.36 9.75 -27.88
CA GLN D 15 -24.80 11.05 -28.35
C GLN D 15 -26.29 11.25 -28.07
N PRO D 16 -26.74 12.50 -27.99
CA PRO D 16 -28.16 12.75 -27.75
C PRO D 16 -29.01 12.13 -28.85
N GLY D 17 -30.11 11.49 -28.44
CA GLY D 17 -30.92 10.73 -29.34
C GLY D 17 -30.50 9.29 -29.54
N GLY D 18 -29.34 8.91 -29.01
CA GLY D 18 -28.85 7.55 -29.15
C GLY D 18 -29.45 6.61 -28.11
N SER D 19 -28.92 5.38 -28.10
CA SER D 19 -29.43 4.31 -27.26
C SER D 19 -28.30 3.63 -26.49
N LEU D 20 -28.62 3.22 -25.28
CA LEU D 20 -27.74 2.40 -24.44
C LEU D 20 -28.56 1.34 -23.73
N ARG D 21 -27.92 0.24 -23.36
CA ARG D 21 -28.59 -0.79 -22.57
C ARG D 21 -27.80 -1.11 -21.31
N LEU D 22 -28.47 -1.02 -20.15
CA LEU D 22 -27.86 -1.42 -18.89
C LEU D 22 -28.32 -2.82 -18.53
N SER D 23 -27.50 -3.55 -17.77
CA SER D 23 -27.95 -4.85 -17.28
C SER D 23 -27.57 -5.01 -15.83
N CYS D 24 -28.40 -5.75 -15.11
CA CYS D 24 -28.14 -6.08 -13.72
C CYS D 24 -28.41 -7.56 -13.53
N ALA D 25 -27.37 -8.35 -13.27
CA ALA D 25 -27.54 -9.77 -13.03
C ALA D 25 -27.53 -10.01 -11.53
N ALA D 26 -28.45 -10.84 -11.05
CA ALA D 26 -28.61 -11.03 -9.62
C ALA D 26 -28.40 -12.48 -9.27
N SER D 27 -27.97 -12.71 -8.03
CA SER D 27 -27.92 -14.08 -7.52
C SER D 27 -29.35 -14.65 -7.49
N ASP D 28 -29.43 -16.00 -7.51
CA ASP D 28 -30.74 -16.68 -7.49
C ASP D 28 -31.63 -16.19 -6.36
N TYR D 29 -31.07 -16.03 -5.16
CA TYR D 29 -31.89 -15.64 -4.02
C TYR D 29 -32.61 -14.32 -4.28
N ILE D 30 -31.90 -13.35 -4.85
CA ILE D 30 -32.49 -12.06 -5.16
C ILE D 30 -33.42 -12.16 -6.36
N TYR D 31 -32.94 -12.77 -7.43
CA TYR D 31 -33.66 -12.73 -8.70
C TYR D 31 -35.03 -13.42 -8.57
N ARG D 32 -35.10 -14.48 -7.78
CA ARG D 32 -36.30 -15.28 -7.74
C ARG D 32 -37.45 -14.58 -7.01
N ARG D 33 -37.17 -13.62 -6.12
CA ARG D 33 -38.21 -13.09 -5.27
C ARG D 33 -38.27 -11.57 -5.13
N TYR D 34 -37.19 -10.84 -5.39
CA TYR D 34 -37.10 -9.43 -5.04
C TYR D 34 -37.58 -8.56 -6.20
N ARG D 35 -38.12 -7.40 -5.84
CA ARG D 35 -38.29 -6.36 -6.83
C ARG D 35 -36.92 -5.85 -7.22
N MET D 36 -36.72 -5.61 -8.51
CA MET D 36 -35.44 -5.15 -9.03
C MET D 36 -35.67 -3.90 -9.86
N GLY D 37 -34.85 -2.89 -9.63
CA GLY D 37 -35.03 -1.72 -10.45
C GLY D 37 -33.78 -0.90 -10.61
N TRP D 38 -33.99 0.27 -11.18
N TRP D 38 -33.93 0.20 -11.33
CA TRP D 38 -32.94 1.19 -11.55
CA TRP D 38 -32.85 1.15 -11.43
C TRP D 38 -33.27 2.54 -10.96
C TRP D 38 -33.28 2.48 -10.82
N TYR D 39 -32.29 3.15 -10.27
CA TYR D 39 -32.37 4.52 -9.77
C TYR D 39 -31.23 5.30 -10.41
N ARG D 40 -31.30 6.61 -10.42
CA ARG D 40 -30.16 7.36 -10.94
C ARG D 40 -29.89 8.58 -10.08
N GLN D 41 -28.64 9.01 -10.11
CA GLN D 41 -28.22 10.15 -9.29
C GLN D 41 -27.24 11.01 -10.07
N ALA D 42 -27.56 12.25 -10.19
CA ALA D 42 -26.66 13.27 -10.76
C ALA D 42 -26.06 14.12 -9.63
N PRO D 43 -24.86 14.66 -9.80
CA PRO D 43 -24.23 15.43 -8.72
C PRO D 43 -25.13 16.53 -8.18
N GLY D 44 -25.26 16.60 -6.86
CA GLY D 44 -26.06 17.60 -6.21
C GLY D 44 -27.55 17.31 -6.15
N LYS D 45 -28.04 16.34 -6.93
CA LYS D 45 -29.43 15.96 -6.93
C LYS D 45 -29.64 14.72 -6.07
N GLY D 46 -30.86 14.54 -5.58
CA GLY D 46 -31.17 13.31 -4.91
C GLY D 46 -31.23 12.16 -5.91
N ARG D 47 -30.97 10.96 -5.40
CA ARG D 47 -31.22 9.79 -6.22
C ARG D 47 -32.71 9.70 -6.55
N GLU D 48 -33.03 9.23 -7.77
CA GLU D 48 -34.41 9.21 -8.19
C GLU D 48 -34.74 7.92 -8.94
N PHE D 49 -35.99 7.49 -8.80
CA PHE D 49 -36.47 6.28 -9.43
C PHE D 49 -36.44 6.39 -10.95
N VAL D 50 -36.07 5.29 -11.60
CA VAL D 50 -36.09 5.17 -13.07
C VAL D 50 -37.11 4.13 -13.55
N ALA D 51 -36.97 2.87 -13.11
CA ALA D 51 -37.82 1.79 -13.61
C ALA D 51 -37.65 0.59 -12.71
N ALA D 52 -38.70 -0.24 -12.62
CA ALA D 52 -38.57 -1.44 -11.79
C ALA D 52 -39.48 -2.52 -12.32
N ILE D 53 -39.14 -3.77 -11.96
CA ILE D 53 -39.81 -4.97 -12.44
C ILE D 53 -39.82 -6.06 -11.35
N SER D 54 -40.80 -6.96 -11.44
CA SER D 54 -40.87 -8.17 -10.63
C SER D 54 -41.25 -7.87 -9.17
N GLY D 55 -41.01 -8.83 -8.27
CA GLY D 55 -41.38 -8.62 -6.88
C GLY D 55 -42.87 -8.60 -6.59
N GLY D 56 -43.70 -9.04 -7.52
CA GLY D 56 -45.15 -9.09 -7.29
C GLY D 56 -45.91 -7.83 -7.64
N SER D 57 -45.27 -6.83 -8.21
CA SER D 57 -45.97 -5.66 -8.74
C SER D 57 -45.62 -5.52 -10.20
N SER D 58 -46.46 -4.80 -10.94
N SER D 58 -46.46 -4.78 -10.93
CA SER D 58 -46.23 -4.66 -12.36
CA SER D 58 -46.26 -4.58 -12.35
C SER D 58 -45.06 -3.69 -12.61
C SER D 58 -45.05 -3.69 -12.60
N ILE D 59 -44.61 -3.65 -13.86
CA ILE D 59 -43.55 -2.73 -14.24
C ILE D 59 -43.98 -1.31 -13.95
N ASN D 60 -43.03 -0.49 -13.49
CA ASN D 60 -43.29 0.93 -13.20
C ASN D 60 -42.11 1.73 -13.75
N TYR D 61 -42.41 2.93 -14.23
CA TYR D 61 -41.45 3.84 -14.84
C TYR D 61 -41.59 5.23 -14.27
N ALA D 62 -40.47 5.92 -14.08
CA ALA D 62 -40.54 7.35 -13.86
C ALA D 62 -41.27 8.01 -15.03
N ASP D 63 -42.15 8.96 -14.72
N ASP D 63 -42.07 9.03 -14.73
CA ASP D 63 -42.94 9.58 -15.79
CA ASP D 63 -42.70 9.81 -15.79
C ASP D 63 -42.04 10.25 -16.84
C ASP D 63 -41.64 10.39 -16.74
N SER D 64 -40.82 10.63 -16.48
N SER D 64 -40.44 10.67 -16.24
CA SER D 64 -39.91 11.31 -17.39
CA SER D 64 -39.39 11.27 -17.04
C SER D 64 -39.20 10.37 -18.35
C SER D 64 -38.87 10.36 -18.15
N VAL D 65 -39.14 9.07 -18.08
CA VAL D 65 -38.53 8.12 -19.01
C VAL D 65 -39.57 7.28 -19.71
N LYS D 66 -40.82 7.38 -19.30
CA LYS D 66 -41.85 6.53 -19.89
C LYS D 66 -41.95 6.79 -21.39
N GLY D 67 -41.96 5.71 -22.16
CA GLY D 67 -41.98 5.79 -23.60
C GLY D 67 -40.62 5.85 -24.25
N ARG D 68 -39.56 6.10 -23.49
CA ARG D 68 -38.19 6.05 -23.98
C ARG D 68 -37.39 4.88 -23.42
N PHE D 69 -37.61 4.51 -22.16
CA PHE D 69 -36.88 3.40 -21.54
C PHE D 69 -37.82 2.21 -21.41
N THR D 70 -37.25 1.00 -21.56
CA THR D 70 -37.98 -0.26 -21.42
C THR D 70 -37.21 -1.18 -20.50
N ILE D 71 -37.89 -1.71 -19.47
CA ILE D 71 -37.24 -2.63 -18.55
C ILE D 71 -37.77 -4.02 -18.88
N SER D 72 -36.88 -5.01 -18.84
CA SER D 72 -37.26 -6.38 -19.15
C SER D 72 -36.35 -7.32 -18.36
N ARG D 73 -36.63 -8.62 -18.45
CA ARG D 73 -35.80 -9.57 -17.72
C ARG D 73 -35.68 -10.87 -18.50
N ASP D 74 -34.56 -11.57 -18.26
CA ASP D 74 -34.28 -12.85 -18.89
C ASP D 74 -34.03 -13.85 -17.79
N ASN D 75 -35.00 -14.73 -17.52
CA ASN D 75 -34.89 -15.66 -16.41
C ASN D 75 -33.72 -16.61 -16.58
N SER D 76 -33.38 -16.97 -17.81
CA SER D 76 -32.30 -17.93 -18.00
C SER D 76 -30.95 -17.35 -17.63
N LYS D 77 -30.85 -16.03 -17.47
CA LYS D 77 -29.62 -15.37 -17.09
C LYS D 77 -29.73 -14.63 -15.77
N ASN D 78 -30.86 -14.72 -15.07
CA ASN D 78 -31.08 -13.95 -13.83
C ASN D 78 -30.75 -12.49 -14.03
N THR D 79 -31.14 -11.94 -15.18
CA THR D 79 -30.71 -10.60 -15.55
C THR D 79 -31.88 -9.71 -15.90
N VAL D 80 -31.85 -8.49 -15.38
CA VAL D 80 -32.78 -7.42 -15.72
C VAL D 80 -32.06 -6.42 -16.62
N TYR D 81 -32.74 -5.98 -17.67
CA TYR D 81 -32.20 -5.06 -18.66
C TYR D 81 -32.96 -3.76 -18.64
N LEU D 82 -32.25 -2.65 -18.86
CA LEU D 82 -32.88 -1.35 -19.08
C LEU D 82 -32.42 -0.85 -20.44
N GLN D 83 -33.34 -0.85 -21.40
CA GLN D 83 -33.07 -0.37 -22.74
C GLN D 83 -33.42 1.11 -22.76
N MET D 84 -32.41 1.96 -22.95
CA MET D 84 -32.61 3.41 -22.89
C MET D 84 -32.54 3.97 -24.31
N ASN D 85 -33.67 4.41 -24.84
CA ASN D 85 -33.74 5.00 -26.17
C ASN D 85 -33.95 6.51 -26.07
N SER D 86 -33.70 7.19 -27.18
CA SER D 86 -34.04 8.61 -27.28
C SER D 86 -33.41 9.41 -26.14
N LEU D 87 -32.14 9.14 -25.87
CA LEU D 87 -31.50 9.70 -24.69
C LEU D 87 -31.29 11.19 -24.87
N ARG D 88 -31.33 11.90 -23.74
CA ARG D 88 -31.20 13.35 -23.70
C ARG D 88 -30.15 13.73 -22.67
N ALA D 89 -29.69 14.98 -22.76
CA ALA D 89 -28.62 15.44 -21.87
C ALA D 89 -28.98 15.22 -20.40
N GLU D 90 -30.25 15.43 -20.04
CA GLU D 90 -30.66 15.29 -18.63
C GLU D 90 -30.70 13.84 -18.15
N ASP D 91 -30.51 12.86 -19.03
CA ASP D 91 -30.38 11.49 -18.58
C ASP D 91 -28.96 11.17 -18.08
N THR D 92 -28.01 12.09 -18.23
CA THR D 92 -26.67 11.87 -17.69
C THR D 92 -26.71 11.76 -16.18
N ALA D 93 -26.14 10.68 -15.65
CA ALA D 93 -26.24 10.35 -14.23
C ALA D 93 -25.50 9.05 -13.99
N VAL D 94 -25.23 8.76 -12.72
CA VAL D 94 -24.85 7.41 -12.30
C VAL D 94 -26.12 6.59 -12.08
N TYR D 95 -26.22 5.45 -12.75
CA TYR D 95 -27.39 4.58 -12.66
C TYR D 95 -27.08 3.40 -11.75
N TYR D 96 -27.99 3.11 -10.82
CA TYR D 96 -27.79 2.05 -9.83
C TYR D 96 -28.88 1.01 -9.95
N CYS D 97 -28.47 -0.27 -9.99
CA CYS D 97 -29.38 -1.39 -9.81
C CYS D 97 -29.70 -1.52 -8.33
N ALA D 98 -30.96 -1.82 -8.00
CA ALA D 98 -31.34 -2.04 -6.62
C ALA D 98 -32.29 -3.23 -6.54
N ALA D 99 -32.32 -3.86 -5.39
CA ALA D 99 -33.23 -4.97 -5.15
C ALA D 99 -33.82 -4.81 -3.75
N TYR D 100 -35.13 -5.05 -3.62
CA TYR D 100 -35.78 -4.83 -2.33
C TYR D 100 -37.02 -5.71 -2.27
N ARG D 101 -37.39 -6.11 -1.04
CA ARG D 101 -38.54 -6.98 -0.83
C ARG D 101 -39.08 -6.61 0.56
N ILE D 102 -39.91 -5.57 0.59
CA ILE D 102 -40.20 -4.97 1.89
C ILE D 102 -41.09 -5.83 2.75
N VAL D 103 -41.72 -6.85 2.17
CA VAL D 103 -42.52 -7.73 3.03
C VAL D 103 -41.67 -8.71 3.84
N SER D 104 -40.38 -8.87 3.52
CA SER D 104 -39.63 -9.93 4.21
C SER D 104 -38.19 -9.58 4.52
N ASP D 105 -37.64 -8.49 4.01
CA ASP D 105 -36.23 -8.18 4.16
C ASP D 105 -36.10 -6.72 4.55
N PRO D 106 -35.49 -6.40 5.68
CA PRO D 106 -35.31 -4.99 6.07
C PRO D 106 -34.16 -4.30 5.37
N ARG D 107 -33.55 -4.90 4.35
CA ARG D 107 -32.41 -4.31 3.66
C ARG D 107 -32.76 -3.99 2.22
N VAL D 108 -32.22 -2.87 1.73
CA VAL D 108 -32.24 -2.55 0.30
C VAL D 108 -30.83 -2.80 -0.22
N TYR D 109 -30.71 -3.53 -1.33
CA TYR D 109 -29.40 -3.87 -1.90
C TYR D 109 -29.11 -2.98 -3.10
N TRP D 110 -27.91 -2.40 -3.13
CA TRP D 110 -27.53 -1.43 -4.15
C TRP D 110 -26.34 -1.93 -4.92
N GLY D 111 -26.41 -1.86 -6.24
CA GLY D 111 -25.24 -2.09 -7.07
C GLY D 111 -24.21 -0.98 -6.94
N GLN D 112 -23.10 -1.19 -7.65
CA GLN D 112 -21.94 -0.27 -7.58
C GLN D 112 -22.22 1.07 -8.25
N GLY D 113 -23.11 1.11 -9.23
CA GLY D 113 -23.35 2.33 -9.98
C GLY D 113 -22.58 2.34 -11.30
N THR D 114 -23.25 2.77 -12.35
CA THR D 114 -22.70 2.77 -13.70
C THR D 114 -22.95 4.14 -14.32
N GLN D 115 -21.90 4.80 -14.78
CA GLN D 115 -22.06 6.11 -15.36
C GLN D 115 -22.69 6.01 -16.75
N VAL D 116 -23.67 6.87 -16.99
CA VAL D 116 -24.25 7.07 -18.31
C VAL D 116 -24.11 8.55 -18.62
N THR D 117 -23.49 8.85 -19.77
CA THR D 117 -23.18 10.23 -20.17
C THR D 117 -23.74 10.45 -21.56
N VAL D 118 -24.66 11.40 -21.69
CA VAL D 118 -25.24 11.75 -22.98
C VAL D 118 -24.62 13.06 -23.40
N SER D 119 -23.79 13.03 -24.46
CA SER D 119 -22.93 14.15 -24.80
C SER D 119 -22.74 14.24 -26.32
N SER D 120 -22.69 15.45 -26.83
CA SER D 120 -22.34 15.67 -28.23
C SER D 120 -20.88 15.29 -28.46
N VAL E 4 33.67 -0.23 17.86
CA VAL E 4 32.54 0.00 18.76
C VAL E 4 31.49 -1.08 18.58
N GLN E 5 30.28 -0.70 18.18
CA GLN E 5 29.20 -1.66 18.10
C GLN E 5 28.53 -1.60 16.73
N LEU E 6 28.17 -2.79 16.27
CA LEU E 6 27.18 -2.98 15.24
C LEU E 6 25.93 -3.47 15.92
N VAL E 7 24.78 -2.97 15.50
CA VAL E 7 23.51 -3.37 16.10
C VAL E 7 22.60 -3.85 14.97
N GLU E 8 22.35 -5.15 14.93
CA GLU E 8 21.50 -5.75 13.91
C GLU E 8 20.03 -5.64 14.30
N SER E 9 19.17 -5.61 13.28
CA SER E 9 17.75 -5.69 13.54
C SER E 9 17.14 -6.60 12.48
N GLY E 10 16.10 -7.33 12.87
CA GLY E 10 15.36 -8.11 11.91
C GLY E 10 15.36 -9.58 12.22
N GLY E 11 15.10 -10.41 11.23
CA GLY E 11 15.02 -11.83 11.42
C GLY E 11 13.58 -12.34 11.36
N GLY E 12 13.47 -13.64 11.27
CA GLY E 12 12.16 -14.24 11.36
C GLY E 12 12.03 -15.53 10.60
N LEU E 13 10.86 -16.13 10.74
CA LEU E 13 10.44 -17.33 10.05
C LEU E 13 9.52 -16.89 8.92
N VAL E 14 9.88 -17.23 7.68
CA VAL E 14 9.15 -16.81 6.49
C VAL E 14 9.01 -18.00 5.55
N GLN E 15 7.98 -17.95 4.69
CA GLN E 15 7.70 -18.97 3.69
C GLN E 15 8.62 -18.85 2.49
N PRO E 16 8.83 -19.94 1.76
CA PRO E 16 9.49 -19.85 0.45
C PRO E 16 8.81 -18.81 -0.44
N GLY E 17 9.63 -17.99 -1.09
CA GLY E 17 9.15 -16.93 -1.93
C GLY E 17 8.87 -15.64 -1.20
N GLY E 18 9.01 -15.63 0.13
CA GLY E 18 8.76 -14.46 0.92
C GLY E 18 9.93 -13.51 0.92
N SER E 19 9.79 -12.45 1.71
CA SER E 19 10.81 -11.43 1.78
C SER E 19 10.98 -10.97 3.21
N LEU E 20 12.13 -10.37 3.48
N LEU E 20 12.17 -10.47 3.51
CA LEU E 20 12.57 -10.00 4.82
CA LEU E 20 12.51 -9.93 4.82
C LEU E 20 13.65 -8.93 4.70
C LEU E 20 13.51 -8.81 4.59
N ARG E 21 13.62 -7.93 5.58
CA ARG E 21 14.61 -6.86 5.55
C ARG E 21 15.42 -6.89 6.84
N LEU E 22 16.74 -6.95 6.71
CA LEU E 22 17.67 -6.83 7.83
C LEU E 22 18.29 -5.44 7.84
N SER E 23 18.66 -4.96 9.02
CA SER E 23 19.39 -3.70 9.11
C SER E 23 20.57 -3.88 10.05
N CYS E 24 21.56 -3.01 9.87
CA CYS E 24 22.72 -3.02 10.74
C CYS E 24 23.14 -1.58 10.95
N ALA E 25 23.03 -1.12 12.19
CA ALA E 25 23.37 0.25 12.56
C ALA E 25 24.75 0.29 13.19
N ALA E 26 25.54 1.29 12.84
CA ALA E 26 26.92 1.39 13.28
C ALA E 26 27.16 2.77 13.89
N SER E 27 28.15 2.85 14.78
CA SER E 27 28.62 4.16 15.22
C SER E 27 29.09 5.00 14.03
N ASP E 28 29.04 6.33 14.21
CA ASP E 28 29.70 7.25 13.28
C ASP E 28 31.07 6.76 12.84
N TYR E 29 31.93 6.43 13.80
CA TYR E 29 33.31 6.07 13.49
C TYR E 29 33.37 4.89 12.55
N ILE E 30 32.60 3.85 12.85
CA ILE E 30 32.62 2.66 12.01
C ILE E 30 31.98 2.96 10.66
N TYR E 31 30.81 3.62 10.66
CA TYR E 31 30.06 3.79 9.43
C TYR E 31 30.85 4.60 8.41
N ARG E 32 31.57 5.63 8.86
CA ARG E 32 32.30 6.47 7.93
C ARG E 32 33.58 5.83 7.42
N ARG E 33 34.09 4.78 8.07
CA ARG E 33 35.44 4.32 7.79
C ARG E 33 35.58 2.86 7.38
N TYR E 34 34.53 2.06 7.46
CA TYR E 34 34.62 0.64 7.18
C TYR E 34 33.69 0.23 6.05
N ARG E 35 34.06 -0.84 5.37
CA ARG E 35 33.13 -1.56 4.52
C ARG E 35 32.15 -2.29 5.42
N MET E 36 30.88 -2.31 5.03
CA MET E 36 29.86 -2.97 5.84
C MET E 36 29.14 -4.01 5.00
N GLY E 37 28.79 -5.12 5.61
CA GLY E 37 28.18 -6.14 4.81
C GLY E 37 27.53 -7.19 5.67
N TRP E 38 27.00 -8.22 5.01
N TRP E 38 27.19 -8.28 4.99
CA TRP E 38 26.48 -9.38 5.70
CA TRP E 38 26.42 -9.39 5.54
C TRP E 38 27.20 -10.63 5.23
C TRP E 38 27.11 -10.69 5.17
N TYR E 39 27.33 -11.55 6.18
CA TYR E 39 27.78 -12.92 5.99
C TYR E 39 26.67 -13.82 6.53
N ARG E 40 26.68 -15.11 6.19
CA ARG E 40 25.68 -16.00 6.76
C ARG E 40 26.33 -17.34 7.08
N GLN E 41 25.73 -18.04 8.02
CA GLN E 41 26.28 -19.31 8.46
C GLN E 41 25.12 -20.25 8.65
N ALA E 42 25.03 -21.26 7.81
CA ALA E 42 23.95 -22.25 7.84
C ALA E 42 24.34 -23.40 8.77
N PRO E 43 23.38 -24.22 9.21
CA PRO E 43 23.73 -25.30 10.14
C PRO E 43 24.77 -26.23 9.56
N GLY E 44 25.85 -26.43 10.32
CA GLY E 44 26.92 -27.34 9.91
C GLY E 44 27.83 -26.85 8.82
N LYS E 45 27.64 -25.62 8.36
CA LYS E 45 28.46 -25.08 7.27
C LYS E 45 29.33 -23.94 7.78
N GLY E 46 30.33 -23.59 6.98
CA GLY E 46 31.13 -22.44 7.31
C GLY E 46 30.46 -21.13 6.92
N ARG E 47 30.88 -20.06 7.60
CA ARG E 47 30.35 -18.73 7.36
C ARG E 47 30.79 -18.22 5.98
N GLU E 48 29.87 -17.58 5.27
CA GLU E 48 30.11 -17.21 3.88
C GLU E 48 29.59 -15.82 3.58
N PHE E 49 30.24 -15.19 2.61
CA PHE E 49 29.85 -13.86 2.17
C PHE E 49 28.45 -13.82 1.54
N VAL E 50 27.72 -12.74 1.81
CA VAL E 50 26.42 -12.47 1.19
C VAL E 50 26.47 -11.19 0.36
N ALA E 51 26.78 -10.04 0.99
CA ALA E 51 26.74 -8.77 0.27
C ALA E 51 27.52 -7.73 1.07
N ALA E 52 28.08 -6.74 0.38
CA ALA E 52 28.78 -5.67 1.11
C ALA E 52 28.70 -4.35 0.34
N ILE E 53 28.95 -3.26 1.05
CA ILE E 53 28.77 -1.90 0.54
C ILE E 53 29.78 -0.99 1.23
N SER E 54 30.14 0.10 0.55
N SER E 54 30.16 0.08 0.54
CA SER E 54 30.93 1.20 1.13
CA SER E 54 30.94 1.19 1.08
C SER E 54 32.39 0.80 1.35
C SER E 54 32.39 0.77 1.35
N GLY E 55 33.08 1.53 2.20
CA GLY E 55 34.50 1.29 2.40
C GLY E 55 35.35 1.56 1.18
N GLY E 56 34.88 2.40 0.24
CA GLY E 56 35.71 2.73 -0.92
C GLY E 56 35.75 1.68 -2.01
N SER E 57 34.80 0.75 -2.01
CA SER E 57 34.61 -0.20 -3.09
C SER E 57 33.12 -0.25 -3.42
N SER E 58 32.81 -0.72 -4.62
N SER E 58 32.81 -0.72 -4.62
CA SER E 58 31.42 -0.78 -5.03
CA SER E 58 31.42 -0.80 -5.05
C SER E 58 30.70 -1.93 -4.35
C SER E 58 30.70 -1.93 -4.32
N ILE E 59 29.37 -1.88 -4.44
CA ILE E 59 28.55 -2.97 -3.92
C ILE E 59 28.99 -4.27 -4.56
N ASN E 60 28.94 -5.35 -3.77
CA ASN E 60 29.34 -6.65 -4.29
C ASN E 60 28.46 -7.71 -3.65
N TYR E 61 28.10 -8.74 -4.44
CA TYR E 61 27.26 -9.81 -3.96
C TYR E 61 27.93 -11.16 -4.14
N ALA E 62 27.55 -12.12 -3.29
CA ALA E 62 27.76 -13.53 -3.62
C ALA E 62 26.87 -13.92 -4.80
N ASP E 63 27.40 -14.77 -5.68
CA ASP E 63 26.61 -15.23 -6.82
C ASP E 63 25.33 -15.92 -6.39
N SER E 64 25.31 -16.57 -5.22
CA SER E 64 24.14 -17.31 -4.75
C SER E 64 22.93 -16.42 -4.48
N VAL E 65 23.13 -15.11 -4.28
CA VAL E 65 22.02 -14.22 -3.94
C VAL E 65 21.81 -13.11 -4.96
N LYS E 66 22.62 -13.02 -6.01
CA LYS E 66 22.44 -12.00 -7.04
C LYS E 66 21.05 -12.05 -7.64
N GLY E 67 20.47 -10.86 -7.83
CA GLY E 67 19.15 -10.73 -8.39
C GLY E 67 18.03 -10.99 -7.41
N ARG E 68 18.35 -11.42 -6.18
CA ARG E 68 17.33 -11.68 -5.16
C ARG E 68 17.52 -10.83 -3.92
N PHE E 69 18.76 -10.64 -3.47
CA PHE E 69 19.05 -9.78 -2.34
C PHE E 69 19.65 -8.47 -2.85
N THR E 70 19.34 -7.38 -2.16
N THR E 70 19.37 -7.37 -2.16
CA THR E 70 19.88 -6.07 -2.43
CA THR E 70 19.95 -6.08 -2.51
C THR E 70 20.42 -5.46 -1.14
C THR E 70 20.35 -5.31 -1.25
N ILE E 71 21.59 -4.85 -1.21
CA ILE E 71 22.14 -4.15 -0.05
C ILE E 71 22.04 -2.67 -0.35
N SER E 72 21.74 -1.86 0.68
CA SER E 72 21.67 -0.42 0.50
C SER E 72 22.08 0.23 1.81
N ARG E 73 22.17 1.56 1.81
CA ARG E 73 22.62 2.26 3.01
C ARG E 73 21.78 3.51 3.15
N ASP E 74 21.79 4.09 4.35
CA ASP E 74 21.13 5.36 4.63
C ASP E 74 22.09 6.14 5.52
N ASN E 75 22.77 7.12 4.92
CA ASN E 75 23.78 7.86 5.68
C ASN E 75 23.17 8.66 6.82
N SER E 76 21.89 9.01 6.74
CA SER E 76 21.33 9.79 7.82
C SER E 76 21.08 8.97 9.07
N LYS E 77 21.15 7.64 8.95
CA LYS E 77 20.96 6.72 10.07
C LYS E 77 22.17 5.87 10.37
N ASN E 78 23.31 6.08 9.69
CA ASN E 78 24.49 5.22 9.83
C ASN E 78 24.11 3.74 9.78
N THR E 79 23.19 3.39 8.87
CA THR E 79 22.64 2.04 8.81
C THR E 79 22.73 1.47 7.42
N VAL E 80 23.00 0.18 7.32
N VAL E 80 22.98 0.16 7.34
CA VAL E 80 22.88 -0.50 6.03
CA VAL E 80 23.02 -0.63 6.11
C VAL E 80 21.77 -1.50 6.14
C VAL E 80 21.90 -1.65 6.15
N TYR E 81 21.27 -1.91 4.99
CA TYR E 81 20.06 -2.74 4.91
C TYR E 81 20.29 -3.88 3.93
N LEU E 82 19.73 -5.05 4.25
CA LEU E 82 19.72 -6.19 3.32
C LEU E 82 18.28 -6.53 3.04
N GLN E 83 17.83 -6.23 1.83
CA GLN E 83 16.47 -6.57 1.39
C GLN E 83 16.53 -7.95 0.75
N MET E 84 15.93 -8.94 1.40
CA MET E 84 16.03 -10.34 0.97
C MET E 84 14.70 -10.71 0.31
N ASN E 85 14.65 -10.70 -1.02
CA ASN E 85 13.45 -11.07 -1.76
C ASN E 85 13.61 -12.48 -2.31
N SER E 86 12.50 -13.07 -2.75
CA SER E 86 12.49 -14.40 -3.38
C SER E 86 13.23 -15.43 -2.52
N LEU E 87 12.95 -15.43 -1.23
CA LEU E 87 13.67 -16.29 -0.32
C LEU E 87 13.47 -17.77 -0.62
N ARG E 88 14.51 -18.54 -0.35
CA ARG E 88 14.58 -19.96 -0.63
C ARG E 88 14.97 -20.71 0.63
N ALA E 89 14.60 -21.99 0.66
CA ALA E 89 14.97 -22.85 1.78
C ALA E 89 16.47 -22.78 2.04
N GLU E 90 17.27 -22.76 0.97
CA GLU E 90 18.74 -22.72 1.11
C GLU E 90 19.26 -21.42 1.68
N ASP E 91 18.42 -20.40 1.86
CA ASP E 91 18.83 -19.16 2.49
C ASP E 91 18.74 -19.21 4.01
N THR E 92 18.18 -20.29 4.58
CA THR E 92 18.11 -20.43 6.03
C THR E 92 19.50 -20.40 6.64
N ALA E 93 19.73 -19.49 7.59
CA ALA E 93 21.04 -19.32 8.19
C ALA E 93 20.95 -18.28 9.29
N VAL E 94 22.02 -18.22 10.10
CA VAL E 94 22.24 -17.04 10.93
C VAL E 94 22.98 -16.01 10.07
N TYR E 95 22.44 -14.79 9.96
CA TYR E 95 23.04 -13.73 9.15
C TYR E 95 23.79 -12.81 10.11
N TYR E 96 25.04 -12.48 9.77
CA TYR E 96 25.87 -11.63 10.63
C TYR E 96 26.24 -10.38 9.87
N CYS E 97 25.99 -9.23 10.45
N CYS E 97 25.97 -9.23 10.48
CA CYS E 97 26.56 -8.06 9.79
CA CYS E 97 26.55 -7.99 10.01
C CYS E 97 27.99 -7.83 10.27
C CYS E 97 28.05 -7.96 10.27
N ALA E 98 28.80 -7.30 9.36
CA ALA E 98 30.23 -7.16 9.51
C ALA E 98 30.65 -5.75 9.10
N ALA E 99 31.64 -5.19 9.79
CA ALA E 99 32.29 -3.98 9.34
C ALA E 99 33.76 -4.32 9.27
N TYR E 100 34.40 -4.06 8.14
CA TYR E 100 35.80 -4.47 8.05
C TYR E 100 36.60 -3.59 7.12
N ARG E 101 37.92 -3.69 7.26
CA ARG E 101 38.84 -2.95 6.41
C ARG E 101 40.00 -3.87 6.10
N ILE E 102 40.43 -3.89 4.84
CA ILE E 102 41.56 -4.70 4.39
C ILE E 102 42.78 -3.84 4.09
N VAL E 103 42.57 -2.70 3.45
CA VAL E 103 43.65 -2.07 2.69
C VAL E 103 44.75 -1.55 3.62
N SER E 104 44.38 -1.10 4.81
CA SER E 104 45.32 -0.56 5.78
C SER E 104 44.65 -0.65 7.14
N ASP E 105 45.46 -0.75 8.19
CA ASP E 105 45.02 -0.95 9.57
C ASP E 105 43.86 -1.95 9.63
N PRO E 106 44.08 -3.20 9.20
CA PRO E 106 42.95 -4.11 8.98
C PRO E 106 42.24 -4.51 10.28
N ARG E 107 40.91 -4.64 10.19
CA ARG E 107 40.07 -4.93 11.35
C ARG E 107 38.75 -5.50 10.88
N VAL E 108 38.14 -6.34 11.72
CA VAL E 108 36.77 -6.76 11.46
C VAL E 108 36.00 -6.72 12.76
N TYR E 109 34.77 -6.21 12.66
CA TYR E 109 33.78 -6.25 13.73
C TYR E 109 32.59 -7.08 13.26
N TRP E 110 31.96 -7.77 14.20
CA TRP E 110 30.80 -8.61 13.93
C TRP E 110 29.61 -8.22 14.79
N GLY E 111 28.43 -8.28 14.18
CA GLY E 111 27.19 -8.21 14.93
C GLY E 111 26.88 -9.56 15.59
N GLN E 112 25.75 -9.58 16.29
CA GLN E 112 25.40 -10.72 17.13
C GLN E 112 24.94 -11.94 16.32
N GLY E 113 24.36 -11.72 15.14
CA GLY E 113 23.74 -12.79 14.38
C GLY E 113 22.22 -12.73 14.44
N THR E 114 21.58 -12.79 13.27
CA THR E 114 20.13 -12.70 13.14
C THR E 114 19.64 -13.94 12.41
N GLN E 115 18.64 -14.62 12.99
CA GLN E 115 18.17 -15.87 12.39
C GLN E 115 17.13 -15.59 11.30
N VAL E 116 17.36 -16.21 10.14
CA VAL E 116 16.41 -16.17 9.04
C VAL E 116 16.13 -17.62 8.71
N THR E 117 14.88 -18.06 8.87
CA THR E 117 14.50 -19.42 8.54
C THR E 117 13.40 -19.38 7.49
N VAL E 118 13.63 -20.08 6.38
CA VAL E 118 12.70 -20.15 5.25
C VAL E 118 12.15 -21.57 5.24
N SER E 119 10.89 -21.73 5.63
N SER E 119 10.88 -21.71 5.61
CA SER E 119 10.32 -23.07 5.76
CA SER E 119 10.28 -23.02 5.74
C SER E 119 8.88 -23.07 5.25
C SER E 119 8.90 -23.01 5.13
N SER E 120 8.54 -24.08 4.45
N SER E 120 8.54 -24.12 4.49
CA SER E 120 7.22 -24.13 3.83
CA SER E 120 7.22 -24.24 3.89
C SER E 120 6.14 -24.20 4.90
C SER E 120 6.14 -24.11 4.97
N LEU E 121 4.94 -23.74 4.51
CA LEU E 121 3.72 -23.58 5.35
C LEU E 121 3.58 -22.19 5.98
N VAL F 4 29.50 28.11 -12.67
CA VAL F 4 29.06 27.85 -14.04
C VAL F 4 30.17 27.11 -14.79
N GLN F 5 31.26 26.81 -14.09
CA GLN F 5 32.36 26.04 -14.67
C GLN F 5 31.96 24.57 -14.73
N LEU F 6 31.51 24.11 -15.91
CA LEU F 6 31.59 22.72 -16.31
C LEU F 6 32.58 22.66 -17.45
N VAL F 7 33.63 21.87 -17.31
CA VAL F 7 34.71 21.84 -18.31
C VAL F 7 34.90 20.40 -18.72
N GLU F 8 34.51 20.08 -19.96
CA GLU F 8 34.62 18.74 -20.50
C GLU F 8 35.99 18.49 -21.06
N SER F 9 36.39 17.22 -21.04
CA SER F 9 37.63 16.79 -21.67
C SER F 9 37.42 15.43 -22.30
N GLY F 10 38.12 15.18 -23.40
CA GLY F 10 38.09 13.90 -24.06
C GLY F 10 37.52 14.01 -25.45
N GLY F 11 36.93 12.92 -25.91
CA GLY F 11 36.41 12.84 -27.26
C GLY F 11 37.36 12.12 -28.18
N GLY F 12 36.84 11.70 -29.32
CA GLY F 12 37.74 11.12 -30.30
C GLY F 12 37.01 10.26 -31.28
N LEU F 13 37.79 9.79 -32.24
CA LEU F 13 37.36 8.93 -33.32
C LEU F 13 37.83 7.51 -33.01
N VAL F 14 36.90 6.58 -32.86
CA VAL F 14 37.21 5.26 -32.33
C VAL F 14 36.53 4.19 -33.19
N GLN F 15 37.16 2.93 -33.24
CA GLN F 15 36.63 1.83 -34.01
C GLN F 15 35.60 1.04 -33.20
N PRO F 16 34.62 0.43 -33.86
CA PRO F 16 33.59 -0.33 -33.13
C PRO F 16 34.23 -1.40 -32.27
N GLY F 17 33.65 -1.62 -31.08
CA GLY F 17 34.27 -2.45 -30.07
C GLY F 17 35.28 -1.74 -29.22
N GLY F 18 35.71 -0.54 -29.60
CA GLY F 18 36.73 0.18 -28.87
C GLY F 18 36.19 0.82 -27.61
N SER F 19 37.01 1.68 -27.02
CA SER F 19 36.62 2.30 -25.76
C SER F 19 37.24 3.68 -25.66
N LEU F 20 36.66 4.50 -24.78
CA LEU F 20 37.05 5.88 -24.60
C LEU F 20 36.58 6.32 -23.23
N ARG F 21 37.20 7.36 -22.69
CA ARG F 21 36.75 7.91 -21.42
C ARG F 21 36.56 9.43 -21.52
N LEU F 22 35.40 9.92 -21.09
CA LEU F 22 35.17 11.35 -21.01
C LEU F 22 35.29 11.82 -19.57
N SER F 23 35.63 13.09 -19.39
CA SER F 23 35.63 13.65 -18.05
C SER F 23 34.94 15.01 -18.06
N CYS F 24 34.51 15.44 -16.87
CA CYS F 24 33.85 16.73 -16.74
C CYS F 24 34.19 17.31 -15.39
N ALA F 25 34.90 18.42 -15.37
CA ALA F 25 35.34 19.07 -14.14
C ALA F 25 34.43 20.24 -13.82
N ALA F 26 34.08 20.36 -12.54
CA ALA F 26 33.16 21.39 -12.10
C ALA F 26 33.77 22.17 -10.95
N SER F 27 33.26 23.38 -10.75
CA SER F 27 33.66 24.18 -9.61
C SER F 27 33.20 23.51 -8.31
N ASP F 28 33.78 23.97 -7.21
CA ASP F 28 33.41 23.42 -5.91
C ASP F 28 31.92 23.59 -5.64
N TYR F 29 31.36 24.77 -5.97
CA TYR F 29 29.94 25.00 -5.72
C TYR F 29 29.07 24.00 -6.46
N ILE F 30 29.42 23.70 -7.70
CA ILE F 30 28.62 22.78 -8.51
C ILE F 30 28.84 21.35 -8.06
N TYR F 31 30.10 20.97 -7.87
CA TYR F 31 30.41 19.57 -7.60
C TYR F 31 29.82 19.11 -6.28
N ARG F 32 29.75 20.00 -5.29
CA ARG F 32 29.19 19.63 -4.00
C ARG F 32 27.66 19.64 -3.97
N ARG F 33 27.01 20.41 -4.83
CA ARG F 33 25.57 20.66 -4.67
C ARG F 33 24.68 19.98 -5.70
N TYR F 34 25.19 19.65 -6.88
CA TYR F 34 24.36 19.27 -8.03
C TYR F 34 24.54 17.82 -8.41
N ARG F 35 23.47 17.25 -8.97
CA ARG F 35 23.61 15.99 -9.68
C ARG F 35 24.38 16.25 -10.97
N MET F 36 25.35 15.39 -11.28
CA MET F 36 26.12 15.54 -12.50
C MET F 36 25.92 14.31 -13.36
N GLY F 37 25.92 14.52 -14.66
CA GLY F 37 25.72 13.39 -15.54
C GLY F 37 26.09 13.73 -16.96
N TRP F 38 25.75 12.80 -17.83
N TRP F 38 25.85 12.76 -17.83
CA TRP F 38 26.09 12.87 -19.25
CA TRP F 38 26.02 13.02 -19.26
C TRP F 38 24.84 12.62 -20.09
C TRP F 38 24.72 12.79 -19.99
N TYR F 39 24.66 13.43 -21.14
CA TYR F 39 23.60 13.31 -22.13
C TYR F 39 24.30 13.17 -23.48
N ARG F 40 23.58 12.70 -24.48
CA ARG F 40 24.15 12.65 -25.82
C ARG F 40 23.11 13.01 -26.85
N GLN F 41 23.59 13.52 -27.98
CA GLN F 41 22.72 13.94 -29.07
C GLN F 41 23.34 13.43 -30.36
N ALA F 42 22.72 12.41 -30.95
CA ALA F 42 23.17 11.88 -32.22
C ALA F 42 22.61 12.70 -33.36
N PRO F 43 23.25 12.66 -34.53
CA PRO F 43 22.82 13.51 -35.65
C PRO F 43 21.35 13.29 -35.99
N GLY F 44 20.62 14.40 -36.06
CA GLY F 44 19.20 14.35 -36.36
C GLY F 44 18.31 13.78 -35.28
N LYS F 45 18.83 13.54 -34.09
CA LYS F 45 18.02 12.99 -33.01
C LYS F 45 17.99 13.94 -31.82
N GLY F 46 17.03 13.71 -30.94
CA GLY F 46 16.94 14.50 -29.73
C GLY F 46 18.00 14.12 -28.73
N ARG F 47 18.31 15.06 -27.85
CA ARG F 47 19.27 14.79 -26.78
C ARG F 47 18.66 13.84 -25.74
N GLU F 48 19.46 12.89 -25.28
CA GLU F 48 18.94 11.84 -24.40
C GLU F 48 19.91 11.54 -23.26
N PHE F 49 19.34 11.05 -22.18
CA PHE F 49 20.10 10.71 -20.98
C PHE F 49 21.05 9.54 -21.23
N VAL F 50 22.22 9.62 -20.61
CA VAL F 50 23.18 8.54 -20.66
C VAL F 50 23.43 7.99 -19.26
N ALA F 51 23.87 8.85 -18.34
CA ALA F 51 24.24 8.40 -16.99
C ALA F 51 24.32 9.60 -16.05
N ALA F 52 24.13 9.35 -14.74
CA ALA F 52 24.23 10.42 -13.77
C ALA F 52 24.65 9.89 -12.41
N ILE F 53 25.16 10.81 -11.58
CA ILE F 53 25.77 10.44 -10.30
C ILE F 53 25.62 11.62 -9.35
N SER F 54 25.62 11.33 -8.05
N SER F 54 25.66 11.35 -8.04
CA SER F 54 25.64 12.35 -7.01
CA SER F 54 25.66 12.37 -7.00
C SER F 54 24.32 13.11 -6.93
C SER F 54 24.33 13.09 -6.91
N GLY F 55 24.34 14.29 -6.31
CA GLY F 55 23.12 15.05 -6.14
C GLY F 55 22.16 14.50 -5.12
N GLY F 56 22.60 13.60 -4.26
CA GLY F 56 21.75 13.00 -3.26
C GLY F 56 20.98 11.78 -3.71
N SER F 57 21.28 11.20 -4.88
CA SER F 57 20.70 9.92 -5.24
C SER F 57 21.74 9.00 -5.86
N SER F 58 21.37 7.73 -5.95
CA SER F 58 22.19 6.69 -6.54
C SER F 58 22.49 6.93 -8.03
N ILE F 59 23.54 6.26 -8.51
CA ILE F 59 23.88 6.25 -9.93
C ILE F 59 22.71 5.72 -10.74
N ASN F 60 22.53 6.27 -11.93
N ASN F 60 22.50 6.32 -11.92
CA ASN F 60 21.46 5.87 -12.81
CA ASN F 60 21.42 5.94 -12.83
C ASN F 60 21.97 5.86 -14.24
C ASN F 60 22.00 5.86 -14.24
N TYR F 61 21.61 4.83 -14.99
CA TYR F 61 22.01 4.66 -16.38
C TYR F 61 20.77 4.58 -17.26
N ALA F 62 20.92 5.02 -18.51
CA ALA F 62 19.99 4.65 -19.56
C ALA F 62 20.15 3.17 -19.87
N ASP F 63 19.03 2.51 -20.20
CA ASP F 63 19.09 1.09 -20.51
C ASP F 63 20.04 0.80 -21.66
N SER F 64 20.12 1.69 -22.63
CA SER F 64 20.91 1.39 -23.82
C SER F 64 22.41 1.37 -23.56
N VAL F 65 22.88 1.81 -22.39
CA VAL F 65 24.30 1.78 -22.09
C VAL F 65 24.63 0.94 -20.85
N LYS F 66 23.64 0.33 -20.21
CA LYS F 66 23.93 -0.45 -19.02
C LYS F 66 24.85 -1.63 -19.35
N GLY F 67 25.85 -1.83 -18.50
CA GLY F 67 26.81 -2.89 -18.71
C GLY F 67 27.92 -2.57 -19.68
N ARG F 68 27.86 -1.43 -20.35
CA ARG F 68 28.90 -0.99 -21.26
C ARG F 68 29.57 0.30 -20.82
N PHE F 69 28.83 1.21 -20.21
CA PHE F 69 29.38 2.48 -19.75
C PHE F 69 29.35 2.49 -18.23
N THR F 70 30.37 3.10 -17.61
CA THR F 70 30.37 3.29 -16.17
C THR F 70 30.67 4.74 -15.83
N ILE F 71 29.85 5.33 -14.96
CA ILE F 71 30.08 6.68 -14.46
C ILE F 71 30.73 6.58 -13.08
N SER F 72 31.65 7.50 -12.82
CA SER F 72 32.36 7.53 -11.54
C SER F 72 32.79 8.96 -11.29
N ARG F 73 33.36 9.20 -10.10
CA ARG F 73 33.79 10.54 -9.73
C ARG F 73 35.07 10.49 -8.90
N ASP F 74 35.78 11.60 -8.87
CA ASP F 74 36.99 11.76 -8.06
C ASP F 74 36.84 13.04 -7.28
N ASN F 75 36.53 12.92 -5.98
CA ASN F 75 36.28 14.10 -5.16
C ASN F 75 37.49 15.01 -5.10
N SER F 76 38.70 14.46 -5.26
CA SER F 76 39.92 15.25 -5.15
C SER F 76 40.17 16.12 -6.36
N LYS F 77 39.46 15.88 -7.47
CA LYS F 77 39.59 16.70 -8.67
C LYS F 77 38.27 17.34 -9.07
N ASN F 78 37.22 17.23 -8.25
CA ASN F 78 35.90 17.75 -8.61
C ASN F 78 35.50 17.30 -10.01
N THR F 79 35.80 16.05 -10.34
CA THR F 79 35.63 15.58 -11.71
C THR F 79 34.80 14.30 -11.73
N VAL F 80 33.90 14.22 -12.71
CA VAL F 80 33.10 13.04 -13.01
C VAL F 80 33.59 12.44 -14.31
N TYR F 81 33.59 11.11 -14.39
CA TYR F 81 34.11 10.38 -15.54
C TYR F 81 33.05 9.47 -16.15
N LEU F 82 33.11 9.30 -17.47
CA LEU F 82 32.30 8.32 -18.18
C LEU F 82 33.23 7.39 -18.96
N GLN F 83 33.35 6.15 -18.50
CA GLN F 83 34.13 5.14 -19.21
C GLN F 83 33.21 4.41 -20.18
N MET F 84 33.53 4.47 -21.47
CA MET F 84 32.66 3.90 -22.49
C MET F 84 33.34 2.69 -23.12
N ASN F 85 32.72 1.52 -22.98
CA ASN F 85 33.29 0.27 -23.49
C ASN F 85 32.39 -0.32 -24.58
N SER F 86 32.95 -1.26 -25.34
CA SER F 86 32.21 -1.97 -26.38
C SER F 86 31.41 -1.01 -27.27
N LEU F 87 32.09 0.03 -27.75
CA LEU F 87 31.38 1.10 -28.44
C LEU F 87 30.82 0.59 -29.76
N ARG F 88 29.66 1.10 -30.12
CA ARG F 88 28.93 0.70 -31.31
C ARG F 88 28.70 1.92 -32.19
N ALA F 89 28.47 1.67 -33.47
CA ALA F 89 28.17 2.76 -34.41
C ALA F 89 27.07 3.67 -33.88
N GLU F 90 26.05 3.10 -33.22
CA GLU F 90 24.93 3.87 -32.71
C GLU F 90 25.29 4.70 -31.47
N ASP F 91 26.50 4.56 -30.92
CA ASP F 91 26.93 5.44 -29.83
C ASP F 91 27.54 6.74 -30.35
N THR F 92 27.68 6.88 -31.66
CA THR F 92 28.18 8.12 -32.23
C THR F 92 27.26 9.27 -31.88
N ALA F 93 27.81 10.32 -31.25
CA ALA F 93 27.00 11.47 -30.87
C ALA F 93 27.90 12.54 -30.28
N VAL F 94 27.33 13.73 -30.10
CA VAL F 94 27.94 14.71 -29.22
C VAL F 94 27.47 14.43 -27.79
N TYR F 95 28.43 14.27 -26.85
CA TYR F 95 28.15 13.97 -25.45
C TYR F 95 28.29 15.25 -24.64
N TYR F 96 27.32 15.53 -23.78
CA TYR F 96 27.30 16.78 -23.00
C TYR F 96 27.31 16.43 -21.52
N CYS F 97 28.23 17.01 -20.78
CA CYS F 97 28.16 17.02 -19.32
C CYS F 97 27.04 17.95 -18.86
N ALA F 98 26.30 17.53 -17.82
CA ALA F 98 25.29 18.39 -17.22
C ALA F 98 25.41 18.38 -15.71
N ALA F 99 25.06 19.50 -15.09
CA ALA F 99 24.86 19.60 -13.65
C ALA F 99 23.46 20.14 -13.42
N TYR F 100 22.68 19.47 -12.56
CA TYR F 100 21.31 19.95 -12.42
C TYR F 100 20.72 19.67 -11.06
N ARG F 101 19.66 20.40 -10.75
N ARG F 101 19.67 20.42 -10.73
CA ARG F 101 18.88 20.25 -9.52
CA ARG F 101 18.88 20.26 -9.52
C ARG F 101 17.41 20.41 -9.89
C ARG F 101 17.41 20.41 -9.89
N ILE F 102 16.57 19.51 -9.37
CA ILE F 102 15.13 19.53 -9.64
C ILE F 102 14.35 19.94 -8.41
N VAL F 103 14.78 19.49 -7.24
CA VAL F 103 13.87 19.42 -6.09
C VAL F 103 13.45 20.80 -5.62
N SER F 104 14.36 21.78 -5.68
CA SER F 104 14.03 23.15 -5.32
C SER F 104 15.06 24.04 -6.03
N ASP F 105 14.70 25.30 -6.22
CA ASP F 105 15.54 26.25 -6.94
C ASP F 105 16.16 25.57 -8.17
N PRO F 106 15.35 24.99 -9.04
CA PRO F 106 15.88 24.13 -10.08
C PRO F 106 16.77 24.88 -11.06
N ARG F 107 17.76 24.17 -11.62
CA ARG F 107 18.79 24.75 -12.46
C ARG F 107 19.41 23.65 -13.28
N VAL F 108 19.87 24.00 -14.49
CA VAL F 108 20.68 23.07 -15.27
C VAL F 108 21.83 23.85 -15.91
N TYR F 109 23.03 23.26 -15.84
CA TYR F 109 24.22 23.77 -16.49
C TYR F 109 24.71 22.73 -17.48
N TRP F 110 25.19 23.18 -18.65
CA TRP F 110 25.70 22.31 -19.70
C TRP F 110 27.16 22.61 -20.03
N GLY F 111 27.92 21.56 -20.30
CA GLY F 111 29.21 21.70 -20.96
C GLY F 111 29.03 21.96 -22.45
N GLN F 112 30.18 22.15 -23.13
CA GLN F 112 30.22 22.56 -24.53
C GLN F 112 29.81 21.44 -25.47
N GLY F 113 29.99 20.19 -25.06
CA GLY F 113 29.81 19.08 -25.96
C GLY F 113 31.10 18.47 -26.44
N THR F 114 31.17 17.14 -26.42
CA THR F 114 32.37 16.42 -26.81
C THR F 114 32.00 15.37 -27.86
N GLN F 115 32.71 15.37 -29.00
CA GLN F 115 32.35 14.46 -30.08
C GLN F 115 32.95 13.08 -29.84
N VAL F 116 32.11 12.05 -29.94
CA VAL F 116 32.54 10.66 -29.93
C VAL F 116 32.03 10.04 -31.23
N THR F 117 32.95 9.54 -32.05
CA THR F 117 32.57 8.96 -33.33
C THR F 117 33.10 7.54 -33.40
N VAL F 118 32.18 6.60 -33.59
CA VAL F 118 32.48 5.17 -33.68
C VAL F 118 32.33 4.80 -35.16
N SER F 119 33.46 4.61 -35.84
CA SER F 119 33.44 4.34 -37.27
C SER F 119 34.46 3.25 -37.60
N SER F 120 34.09 2.37 -38.53
CA SER F 120 35.03 1.38 -39.06
C SER F 120 35.66 1.92 -40.33
N VAL G 4 13.04 -28.80 16.08
CA VAL G 4 13.16 -27.71 17.05
C VAL G 4 13.61 -26.42 16.39
N GLN G 5 12.82 -25.37 16.56
CA GLN G 5 13.18 -24.05 16.08
C GLN G 5 12.71 -23.01 17.09
N LEU G 6 13.62 -22.14 17.53
CA LEU G 6 13.27 -20.86 18.13
C LEU G 6 13.86 -19.79 17.24
N VAL G 7 13.00 -18.95 16.66
CA VAL G 7 13.47 -17.95 15.71
C VAL G 7 13.10 -16.57 16.25
N GLU G 8 14.12 -15.77 16.61
CA GLU G 8 13.91 -14.44 17.15
C GLU G 8 13.78 -13.41 16.02
N SER G 9 13.00 -12.38 16.29
N SER G 9 13.06 -12.33 16.32
CA SER G 9 13.01 -11.22 15.42
CA SER G 9 12.95 -11.23 15.36
C SER G 9 13.13 -9.98 16.29
C SER G 9 12.86 -9.90 16.11
N GLY G 10 13.68 -8.92 15.69
CA GLY G 10 13.70 -7.61 16.33
C GLY G 10 15.11 -7.13 16.59
N GLY G 11 15.25 -6.24 17.57
CA GLY G 11 16.53 -5.64 17.87
C GLY G 11 16.61 -4.22 17.35
N GLY G 12 17.60 -3.50 17.83
CA GLY G 12 17.88 -2.21 17.24
C GLY G 12 18.52 -1.27 18.24
N LEU G 13 18.95 -0.15 17.69
CA LEU G 13 19.58 0.95 18.40
C LEU G 13 18.48 1.99 18.63
N VAL G 14 18.15 2.25 19.90
CA VAL G 14 17.02 3.10 20.25
C VAL G 14 17.47 4.14 21.27
N GLN G 15 16.78 5.29 21.26
CA GLN G 15 17.12 6.31 22.24
C GLN G 15 16.40 6.05 23.56
N PRO G 16 16.93 6.54 24.68
CA PRO G 16 16.29 6.29 25.97
C PRO G 16 14.84 6.78 25.99
N GLY G 17 14.00 6.04 26.69
CA GLY G 17 12.57 6.29 26.68
C GLY G 17 11.83 5.71 25.51
N GLY G 18 12.54 5.11 24.55
CA GLY G 18 11.92 4.56 23.37
C GLY G 18 11.39 3.16 23.61
N SER G 19 10.97 2.53 22.52
CA SER G 19 10.29 1.24 22.59
C SER G 19 10.72 0.36 21.43
N LEU G 20 10.68 -0.95 21.68
CA LEU G 20 10.93 -1.98 20.68
C LEU G 20 10.06 -3.18 21.01
N ARG G 21 9.78 -3.99 20.00
N ARG G 21 9.71 -3.95 19.99
CA ARG G 21 9.03 -5.23 20.18
CA ARG G 21 9.04 -5.23 20.19
C ARG G 21 9.89 -6.37 19.65
C ARG G 21 9.95 -6.33 19.68
N LEU G 22 10.16 -7.36 20.50
CA LEU G 22 10.86 -8.56 20.09
C LEU G 22 9.85 -9.68 19.86
N SER G 23 10.20 -10.64 19.01
CA SER G 23 9.31 -11.77 18.88
C SER G 23 10.14 -13.04 18.84
N CYS G 24 9.51 -14.14 19.23
CA CYS G 24 10.17 -15.43 19.18
C CYS G 24 9.17 -16.46 18.68
N ALA G 25 9.44 -17.05 17.53
CA ALA G 25 8.54 -18.03 16.92
C ALA G 25 9.12 -19.43 17.13
N ALA G 26 8.24 -20.38 17.48
CA ALA G 26 8.68 -21.73 17.82
C ALA G 26 7.88 -22.74 17.01
N SER G 27 8.48 -23.92 16.83
CA SER G 27 7.74 -25.01 16.20
C SER G 27 6.57 -25.44 17.08
N ASP G 28 5.63 -26.17 16.48
CA ASP G 28 4.42 -26.61 17.17
C ASP G 28 4.76 -27.32 18.47
N TYR G 29 5.66 -28.30 18.39
CA TYR G 29 6.02 -29.09 19.56
C TYR G 29 6.45 -28.21 20.72
N ILE G 30 7.38 -27.29 20.46
CA ILE G 30 7.92 -26.44 21.52
C ILE G 30 6.86 -25.47 22.02
N TYR G 31 6.13 -24.83 21.10
CA TYR G 31 5.20 -23.78 21.50
C TYR G 31 4.08 -24.32 22.39
N ARG G 32 3.63 -25.53 22.16
CA ARG G 32 2.53 -26.00 22.98
C ARG G 32 2.98 -26.60 24.30
N ARG G 33 4.22 -27.06 24.40
CA ARG G 33 4.62 -27.82 25.58
C ARG G 33 5.63 -27.10 26.48
N TYR G 34 6.37 -26.12 25.97
CA TYR G 34 7.43 -25.53 26.76
C TYR G 34 7.02 -24.16 27.30
N ARG G 35 7.58 -23.81 28.45
CA ARG G 35 7.61 -22.42 28.87
C ARG G 35 8.53 -21.63 27.94
N MET G 36 8.12 -20.42 27.59
CA MET G 36 8.94 -19.59 26.71
C MET G 36 9.19 -18.23 27.35
N GLY G 37 10.36 -17.68 27.16
CA GLY G 37 10.58 -16.35 27.66
C GLY G 37 11.82 -15.73 27.08
N TRP G 38 12.25 -14.63 27.68
N TRP G 38 12.32 -14.74 27.80
CA TRP G 38 13.52 -14.02 27.32
CA TRP G 38 13.43 -13.91 27.38
C TRP G 38 14.42 -13.95 28.53
C TRP G 38 14.43 -13.78 28.52
N TYR G 39 15.71 -14.02 28.24
CA TYR G 39 16.80 -13.70 29.14
C TYR G 39 17.63 -12.62 28.47
N ARG G 40 18.47 -11.94 29.24
CA ARG G 40 19.36 -10.96 28.64
C ARG G 40 20.73 -11.02 29.28
N GLN G 41 21.73 -10.67 28.48
CA GLN G 41 23.14 -10.66 28.91
C GLN G 41 23.75 -9.34 28.48
N ALA G 42 24.04 -8.48 29.45
CA ALA G 42 24.74 -7.25 29.22
C ALA G 42 26.24 -7.51 29.21
N PRO G 43 27.04 -6.62 28.65
CA PRO G 43 28.48 -6.88 28.59
C PRO G 43 29.07 -6.99 30.00
N GLY G 44 29.91 -8.00 30.19
CA GLY G 44 30.54 -8.24 31.47
C GLY G 44 29.63 -8.80 32.55
N LYS G 45 28.40 -9.13 32.21
CA LYS G 45 27.45 -9.69 33.17
C LYS G 45 27.04 -11.09 32.75
N GLY G 46 26.45 -11.81 33.68
CA GLY G 46 25.86 -13.08 33.35
C GLY G 46 24.46 -12.92 32.78
N ARG G 47 23.99 -13.99 32.15
CA ARG G 47 22.67 -14.00 31.56
C ARG G 47 21.61 -14.04 32.67
N GLU G 48 20.57 -13.23 32.53
CA GLU G 48 19.58 -13.11 33.59
C GLU G 48 18.18 -13.10 33.01
N PHE G 49 17.24 -13.54 33.86
CA PHE G 49 15.83 -13.65 33.50
C PHE G 49 15.21 -12.29 33.19
N VAL G 50 14.32 -12.25 32.18
CA VAL G 50 13.56 -11.03 31.88
C VAL G 50 12.05 -11.28 32.01
N ALA G 51 11.48 -12.22 31.26
CA ALA G 51 10.04 -12.47 31.33
C ALA G 51 9.75 -13.86 30.78
N ALA G 52 8.65 -14.47 31.21
CA ALA G 52 8.30 -15.78 30.66
C ALA G 52 6.79 -15.97 30.69
N ILE G 53 6.33 -16.93 29.89
CA ILE G 53 4.90 -17.17 29.69
C ILE G 53 4.71 -18.65 29.36
N SER G 54 3.50 -19.15 29.62
N SER G 54 3.52 -19.16 29.68
CA SER G 54 3.09 -20.49 29.22
CA SER G 54 3.06 -20.49 29.28
C SER G 54 3.88 -21.59 29.92
C SER G 54 3.78 -21.62 30.02
N GLY G 55 3.77 -22.82 29.44
CA GLY G 55 4.39 -23.97 30.09
C GLY G 55 3.76 -24.39 31.42
N GLY G 56 2.47 -24.14 31.62
CA GLY G 56 1.81 -24.57 32.83
C GLY G 56 1.99 -23.66 34.03
N SER G 57 2.50 -22.45 33.82
N SER G 57 2.51 -22.44 33.79
CA SER G 57 2.58 -21.50 34.92
CA SER G 57 2.79 -21.44 34.81
C SER G 57 2.30 -20.11 34.37
C SER G 57 2.27 -20.09 34.33
N SER G 58 1.96 -19.21 35.28
CA SER G 58 1.50 -17.89 34.87
C SER G 58 2.67 -17.04 34.36
N ILE G 59 2.31 -15.91 33.75
CA ILE G 59 3.30 -14.92 33.32
C ILE G 59 4.12 -14.47 34.51
N ASN G 60 5.42 -14.25 34.31
CA ASN G 60 6.31 -13.83 35.39
C ASN G 60 7.38 -12.91 34.83
N TYR G 61 7.78 -11.91 35.61
CA TYR G 61 8.75 -10.93 35.16
C TYR G 61 9.88 -10.81 36.17
N ALA G 62 11.06 -10.40 35.70
CA ALA G 62 12.06 -9.88 36.63
C ALA G 62 11.55 -8.55 37.18
N ASP G 63 11.80 -8.30 38.47
CA ASP G 63 11.32 -7.07 39.07
C ASP G 63 11.80 -5.83 38.33
N SER G 64 12.97 -5.90 37.69
CA SER G 64 13.57 -4.72 37.10
C SER G 64 12.88 -4.25 35.82
N VAL G 65 11.95 -5.04 35.27
CA VAL G 65 11.23 -4.65 34.06
C VAL G 65 9.73 -4.58 34.27
N LYS G 66 9.23 -4.86 35.47
CA LYS G 66 7.79 -4.82 35.71
C LYS G 66 7.24 -3.43 35.43
N GLY G 67 6.11 -3.39 34.71
CA GLY G 67 5.47 -2.15 34.36
C GLY G 67 5.99 -1.51 33.09
N ARG G 68 7.13 -1.97 32.60
CA ARG G 68 7.72 -1.45 31.37
C ARG G 68 7.69 -2.46 30.24
N PHE G 69 7.92 -3.74 30.53
CA PHE G 69 7.93 -4.79 29.52
C PHE G 69 6.67 -5.64 29.69
N THR G 70 6.12 -6.09 28.56
N THR G 70 6.09 -6.07 28.58
CA THR G 70 4.94 -6.92 28.54
CA THR G 70 4.93 -6.94 28.61
C THR G 70 5.18 -8.11 27.63
C THR G 70 5.15 -8.11 27.65
N ILE G 71 4.97 -9.32 28.16
CA ILE G 71 5.10 -10.54 27.37
C ILE G 71 3.70 -11.05 27.04
N SER G 72 3.55 -11.55 25.81
CA SER G 72 2.25 -11.99 25.32
C SER G 72 2.51 -13.05 24.26
N ARG G 73 1.44 -13.70 23.80
CA ARG G 73 1.64 -14.70 22.76
C ARG G 73 0.42 -14.76 21.86
N ASP G 74 0.62 -15.26 20.65
CA ASP G 74 -0.45 -15.45 19.67
C ASP G 74 -0.41 -16.90 19.21
N ASN G 75 -1.37 -17.71 19.69
CA ASN G 75 -1.42 -19.13 19.37
C ASN G 75 -1.63 -19.39 17.87
N SER G 76 -2.15 -18.43 17.11
CA SER G 76 -2.33 -18.66 15.69
C SER G 76 -1.01 -18.50 14.93
N LYS G 77 0.04 -18.04 15.61
CA LYS G 77 1.33 -17.80 14.97
C LYS G 77 2.47 -18.51 15.65
N ASN G 78 2.19 -19.28 16.72
CA ASN G 78 3.22 -19.95 17.53
C ASN G 78 4.32 -18.98 17.92
N THR G 79 3.95 -17.75 18.24
CA THR G 79 4.93 -16.69 18.49
C THR G 79 4.68 -16.02 19.83
N VAL G 80 5.77 -15.71 20.54
CA VAL G 80 5.76 -14.95 21.77
C VAL G 80 6.38 -13.59 21.52
N TYR G 81 5.83 -12.56 22.16
CA TYR G 81 6.24 -11.17 21.94
C TYR G 81 6.69 -10.54 23.25
N LEU G 82 7.67 -9.67 23.16
CA LEU G 82 8.13 -8.88 24.30
C LEU G 82 8.03 -7.42 23.88
N GLN G 83 7.02 -6.72 24.40
CA GLN G 83 6.87 -5.29 24.18
C GLN G 83 7.71 -4.57 25.22
N MET G 84 8.74 -3.85 24.77
CA MET G 84 9.70 -3.19 25.66
C MET G 84 9.44 -1.69 25.60
N ASN G 85 8.80 -1.15 26.64
CA ASN G 85 8.51 0.26 26.71
C ASN G 85 9.42 0.94 27.72
N SER G 86 9.51 2.26 27.60
CA SER G 86 10.30 3.09 28.52
C SER G 86 11.71 2.56 28.69
N LEU G 87 12.38 2.31 27.57
CA LEU G 87 13.67 1.65 27.61
C LEU G 87 14.72 2.55 28.26
N ARG G 88 15.63 1.93 28.99
CA ARG G 88 16.67 2.62 29.73
C ARG G 88 18.03 2.12 29.28
N ALA G 89 19.04 2.96 29.49
CA ALA G 89 20.41 2.57 29.16
C ALA G 89 20.73 1.20 29.75
N GLU G 90 20.31 0.96 30.99
CA GLU G 90 20.59 -0.29 31.68
C GLU G 90 19.94 -1.49 31.03
N ASP G 91 19.02 -1.29 30.08
CA ASP G 91 18.40 -2.39 29.35
C ASP G 91 19.23 -2.85 28.16
N THR G 92 20.31 -2.14 27.85
CA THR G 92 21.20 -2.58 26.78
C THR G 92 21.79 -3.95 27.10
N ALA G 93 21.66 -4.87 26.15
CA ALA G 93 22.04 -6.26 26.37
C ALA G 93 21.73 -7.01 25.09
N VAL G 94 22.27 -8.22 25.00
CA VAL G 94 21.79 -9.20 24.03
C VAL G 94 20.62 -9.95 24.68
N TYR G 95 19.47 -9.96 24.00
CA TYR G 95 18.27 -10.62 24.50
C TYR G 95 18.12 -11.96 23.82
N TYR G 96 17.93 -13.02 24.61
CA TYR G 96 17.84 -14.38 24.10
C TYR G 96 16.45 -14.92 24.39
N CYS G 97 15.77 -15.38 23.35
CA CYS G 97 14.57 -16.18 23.54
C CYS G 97 14.94 -17.55 24.10
N ALA G 98 14.10 -18.08 24.99
CA ALA G 98 14.36 -19.39 25.57
C ALA G 98 13.06 -20.19 25.62
N ALA G 99 13.19 -21.50 25.46
CA ALA G 99 12.08 -22.41 25.66
C ALA G 99 12.57 -23.51 26.60
N TYR G 100 11.81 -23.79 27.65
CA TYR G 100 12.37 -24.76 28.59
C TYR G 100 11.25 -25.41 29.37
N ARG G 101 11.57 -26.58 29.93
CA ARG G 101 10.64 -27.34 30.73
C ARG G 101 11.42 -27.89 31.92
N ILE G 102 10.82 -27.78 33.11
CA ILE G 102 11.42 -28.22 34.35
C ILE G 102 10.75 -29.47 34.87
N VAL G 103 9.41 -29.53 34.79
CA VAL G 103 8.61 -30.47 35.58
C VAL G 103 8.91 -31.90 35.22
N SER G 104 9.23 -32.17 33.96
CA SER G 104 9.44 -33.53 33.49
C SER G 104 10.14 -33.41 32.15
N ASP G 105 10.93 -34.42 31.81
CA ASP G 105 11.78 -34.43 30.62
C ASP G 105 12.42 -33.05 30.43
N PRO G 106 13.22 -32.59 31.39
CA PRO G 106 13.67 -31.20 31.34
C PRO G 106 14.59 -30.95 30.15
N ARG G 107 14.41 -29.78 29.53
CA ARG G 107 15.22 -29.35 28.39
C ARG G 107 15.22 -27.83 28.34
N VAL G 108 16.26 -27.27 27.74
CA VAL G 108 16.25 -25.84 27.42
C VAL G 108 16.73 -25.64 25.99
N TYR G 109 16.05 -24.76 25.26
CA TYR G 109 16.49 -24.34 23.93
C TYR G 109 16.70 -22.83 23.94
N TRP G 110 17.66 -22.37 23.15
CA TRP G 110 18.02 -20.95 23.09
C TRP G 110 17.93 -20.41 21.68
N GLY G 111 17.41 -19.19 21.53
CA GLY G 111 17.54 -18.44 20.28
C GLY G 111 18.96 -17.87 20.11
N GLN G 112 19.17 -17.20 18.98
CA GLN G 112 20.50 -16.72 18.59
C GLN G 112 20.97 -15.56 19.46
N GLY G 113 20.03 -14.78 19.99
CA GLY G 113 20.39 -13.51 20.60
C GLY G 113 20.11 -12.30 19.73
N THR G 114 19.48 -11.30 20.32
CA THR G 114 19.01 -10.11 19.62
C THR G 114 19.53 -8.89 20.36
N GLN G 115 20.28 -8.04 19.67
CA GLN G 115 20.90 -6.91 20.32
C GLN G 115 19.92 -5.75 20.48
N VAL G 116 19.85 -5.23 21.69
CA VAL G 116 19.05 -4.07 22.02
C VAL G 116 19.98 -3.06 22.67
N THR G 117 20.19 -1.94 22.01
CA THR G 117 21.11 -0.91 22.50
C THR G 117 20.34 0.38 22.70
N VAL G 118 20.42 0.90 23.91
CA VAL G 118 19.68 2.08 24.33
C VAL G 118 20.74 3.15 24.58
N SER G 119 20.82 4.13 23.67
CA SER G 119 21.95 5.05 23.72
C SER G 119 21.55 6.45 23.28
N SER G 120 22.39 7.40 23.66
CA SER G 120 22.26 8.84 23.37
C SER G 120 21.04 9.43 24.05
N GLN H 5 -24.41 -34.68 11.72
CA GLN H 5 -24.62 -33.32 12.23
C GLN H 5 -23.48 -32.88 13.17
N LEU H 6 -23.78 -32.10 14.21
CA LEU H 6 -22.77 -31.55 15.11
C LEU H 6 -23.10 -31.98 16.53
N VAL H 7 -22.17 -32.66 17.18
CA VAL H 7 -22.42 -33.19 18.53
C VAL H 7 -21.34 -32.66 19.46
N GLU H 8 -21.73 -31.76 20.37
CA GLU H 8 -20.79 -31.18 21.31
C GLU H 8 -20.59 -32.08 22.53
N SER H 9 -19.41 -31.97 23.13
CA SER H 9 -19.14 -32.63 24.40
C SER H 9 -18.34 -31.69 25.28
N GLY H 10 -18.56 -31.77 26.58
CA GLY H 10 -17.83 -30.94 27.53
C GLY H 10 -18.71 -30.02 28.34
N GLY H 11 -18.10 -28.98 28.88
CA GLY H 11 -18.76 -28.03 29.75
C GLY H 11 -18.41 -28.25 31.21
N GLY H 12 -18.76 -27.28 32.01
CA GLY H 12 -18.63 -27.46 33.44
C GLY H 12 -18.36 -26.16 34.16
N LEU H 13 -18.27 -26.32 35.48
CA LEU H 13 -17.91 -25.28 36.42
C LEU H 13 -16.42 -25.38 36.68
N VAL H 14 -15.72 -24.26 36.59
CA VAL H 14 -14.28 -24.27 36.84
C VAL H 14 -13.93 -23.00 37.59
N GLN H 15 -12.86 -23.07 38.39
CA GLN H 15 -12.40 -21.89 39.09
C GLN H 15 -11.57 -21.03 38.15
N PRO H 16 -11.48 -19.73 38.42
CA PRO H 16 -10.61 -18.85 37.62
C PRO H 16 -9.20 -19.42 37.52
N GLY H 17 -8.59 -19.27 36.35
CA GLY H 17 -7.30 -19.86 36.09
C GLY H 17 -7.34 -21.34 35.76
N GLY H 18 -8.50 -21.98 35.84
CA GLY H 18 -8.64 -23.38 35.50
C GLY H 18 -8.71 -23.57 33.99
N SER H 19 -8.95 -24.82 33.59
CA SER H 19 -8.98 -25.16 32.19
C SER H 19 -10.07 -26.17 31.92
N LEU H 20 -10.54 -26.18 30.68
CA LEU H 20 -11.59 -27.05 30.20
C LEU H 20 -11.29 -27.38 28.75
N ARG H 21 -11.70 -28.57 28.30
CA ARG H 21 -11.62 -28.91 26.88
C ARG H 21 -13.00 -29.26 26.33
N LEU H 22 -13.44 -28.55 25.30
CA LEU H 22 -14.66 -28.86 24.59
C LEU H 22 -14.33 -29.67 23.35
N SER H 23 -15.30 -30.46 22.89
CA SER H 23 -15.14 -31.15 21.63
C SER H 23 -16.43 -31.06 20.83
N CYS H 24 -16.28 -31.26 19.52
CA CYS H 24 -17.40 -31.20 18.59
C CYS H 24 -17.14 -32.19 17.48
N ALA H 25 -18.06 -33.14 17.34
CA ALA H 25 -17.94 -34.23 16.39
C ALA H 25 -18.94 -33.99 15.27
N ALA H 26 -18.52 -34.22 14.04
CA ALA H 26 -19.36 -33.96 12.89
C ALA H 26 -19.44 -35.20 12.02
N SER H 27 -20.50 -35.27 11.24
CA SER H 27 -20.60 -36.28 10.20
C SER H 27 -19.42 -36.13 9.25
N ASP H 28 -19.17 -37.19 8.48
CA ASP H 28 -18.07 -37.14 7.52
C ASP H 28 -18.29 -36.02 6.50
N TYR H 29 -19.51 -35.88 5.99
CA TYR H 29 -19.79 -34.84 5.00
C TYR H 29 -19.46 -33.46 5.54
N ILE H 30 -19.94 -33.16 6.75
CA ILE H 30 -19.67 -31.85 7.36
C ILE H 30 -18.18 -31.69 7.64
N TYR H 31 -17.57 -32.71 8.22
CA TYR H 31 -16.18 -32.58 8.66
C TYR H 31 -15.24 -32.35 7.49
N ARG H 32 -15.53 -32.94 6.33
CA ARG H 32 -14.62 -32.81 5.21
C ARG H 32 -14.80 -31.51 4.42
N ARG H 33 -15.93 -30.82 4.58
CA ARG H 33 -16.23 -29.72 3.65
C ARG H 33 -16.53 -28.38 4.29
N TYR H 34 -16.55 -28.28 5.62
CA TYR H 34 -16.94 -27.03 6.28
C TYR H 34 -15.82 -26.53 7.19
N ARG H 35 -15.73 -25.22 7.34
CA ARG H 35 -14.97 -24.68 8.46
C ARG H 35 -15.69 -25.01 9.76
N MET H 36 -14.93 -25.33 10.80
CA MET H 36 -15.55 -25.64 12.07
C MET H 36 -14.96 -24.77 13.17
N GLY H 37 -15.79 -24.41 14.13
CA GLY H 37 -15.29 -23.54 15.16
C GLY H 37 -16.24 -23.40 16.31
N TRP H 38 -15.92 -22.46 17.19
N TRP H 38 -15.98 -22.37 17.12
CA TRP H 38 -16.78 -22.14 18.32
CA TRP H 38 -16.67 -22.15 18.37
C TRP H 38 -17.11 -20.68 18.33
C TRP H 38 -17.05 -20.67 18.49
N TYR H 39 -18.32 -20.40 18.81
CA TYR H 39 -18.84 -19.09 19.18
C TYR H 39 -19.24 -19.19 20.63
N ARG H 40 -19.46 -18.04 21.28
CA ARG H 40 -19.99 -18.07 22.64
C ARG H 40 -20.94 -16.91 22.86
N GLN H 41 -21.87 -17.10 23.80
CA GLN H 41 -22.89 -16.08 24.07
C GLN H 41 -23.01 -15.99 25.58
N ALA H 42 -22.54 -14.86 26.13
CA ALA H 42 -22.67 -14.56 27.55
C ALA H 42 -24.06 -13.96 27.83
N PRO H 43 -24.57 -14.12 29.05
CA PRO H 43 -25.92 -13.63 29.35
C PRO H 43 -26.09 -12.16 29.00
N GLY H 44 -27.16 -11.86 28.27
CA GLY H 44 -27.46 -10.51 27.86
C GLY H 44 -26.52 -9.92 26.83
N LYS H 45 -25.65 -10.73 26.22
CA LYS H 45 -24.71 -10.26 25.21
C LYS H 45 -24.91 -11.00 23.90
N GLY H 46 -24.40 -10.41 22.83
CA GLY H 46 -24.49 -11.04 21.54
C GLY H 46 -23.55 -12.23 21.43
N ARG H 47 -23.88 -13.13 20.52
CA ARG H 47 -23.01 -14.27 20.23
C ARG H 47 -21.77 -13.80 19.48
N GLU H 48 -20.60 -14.32 19.85
CA GLU H 48 -19.36 -13.80 19.28
C GLU H 48 -18.39 -14.93 18.96
N PHE H 49 -17.53 -14.68 17.98
CA PHE H 49 -16.54 -15.65 17.54
C PHE H 49 -15.54 -15.98 18.65
N VAL H 50 -15.11 -17.24 18.69
CA VAL H 50 -14.05 -17.66 19.61
C VAL H 50 -12.86 -18.23 18.83
N ALA H 51 -13.08 -19.24 18.00
CA ALA H 51 -11.95 -19.88 17.33
C ALA H 51 -12.47 -20.70 16.16
N ALA H 52 -11.65 -20.88 15.12
CA ALA H 52 -12.11 -21.67 13.97
C ALA H 52 -10.92 -22.36 13.31
N ILE H 53 -11.21 -23.46 12.61
CA ILE H 53 -10.20 -24.32 12.01
C ILE H 53 -10.75 -24.90 10.73
N SER H 54 -9.86 -25.24 9.78
CA SER H 54 -10.23 -26.04 8.61
C SER H 54 -11.09 -25.24 7.63
N GLY H 55 -11.76 -25.91 6.70
CA GLY H 55 -12.54 -25.21 5.69
C GLY H 55 -11.74 -24.43 4.68
N GLY H 56 -10.50 -24.85 4.42
CA GLY H 56 -9.66 -24.19 3.44
C GLY H 56 -8.99 -22.92 3.90
N SER H 57 -9.08 -22.60 5.20
CA SER H 57 -8.46 -21.41 5.75
C SER H 57 -7.70 -21.80 7.01
N SER H 58 -6.75 -20.96 7.43
CA SER H 58 -5.94 -21.30 8.59
C SER H 58 -6.67 -20.98 9.89
N ILE H 59 -6.09 -21.46 10.99
CA ILE H 59 -6.70 -21.27 12.31
C ILE H 59 -6.78 -19.79 12.63
N ASN H 60 -7.88 -19.40 13.28
CA ASN H 60 -8.08 -18.02 13.65
C ASN H 60 -8.75 -17.96 15.01
N TYR H 61 -8.38 -16.95 15.79
CA TYR H 61 -8.89 -16.78 17.14
C TYR H 61 -9.48 -15.40 17.29
N ALA H 62 -10.45 -15.27 18.20
CA ALA H 62 -10.76 -13.91 18.68
C ALA H 62 -9.56 -13.35 19.42
N ASP H 63 -9.35 -12.03 19.27
CA ASP H 63 -8.17 -11.39 19.87
C ASP H 63 -8.08 -11.66 21.37
N SER H 64 -9.22 -11.68 22.07
CA SER H 64 -9.19 -11.80 23.52
C SER H 64 -8.88 -13.21 24.01
N VAL H 65 -8.85 -14.22 23.15
CA VAL H 65 -8.51 -15.58 23.57
C VAL H 65 -7.26 -16.12 22.89
N LYS H 66 -6.62 -15.34 22.02
CA LYS H 66 -5.62 -15.92 21.13
C LYS H 66 -4.39 -16.41 21.86
N GLY H 67 -4.16 -15.99 23.11
CA GLY H 67 -3.02 -16.46 23.86
C GLY H 67 -3.31 -17.55 24.88
N ARG H 68 -4.56 -18.02 24.97
CA ARG H 68 -5.01 -18.94 26.02
C ARG H 68 -5.79 -20.14 25.48
N PHE H 69 -6.42 -20.01 24.33
CA PHE H 69 -7.26 -21.05 23.78
C PHE H 69 -6.57 -21.65 22.57
N THR H 70 -6.68 -22.97 22.39
CA THR H 70 -6.10 -23.63 21.22
C THR H 70 -7.16 -24.52 20.60
N ILE H 71 -7.36 -24.40 19.31
CA ILE H 71 -8.29 -25.25 18.57
C ILE H 71 -7.44 -26.25 17.79
N SER H 72 -7.90 -27.50 17.74
CA SER H 72 -7.19 -28.56 17.06
C SER H 72 -8.24 -29.53 16.54
N ARG H 73 -7.79 -30.50 15.75
N ARG H 73 -7.81 -30.51 15.76
CA ARG H 73 -8.69 -31.46 15.14
CA ARG H 73 -8.77 -31.49 15.27
C ARG H 73 -8.09 -32.87 15.20
C ARG H 73 -8.10 -32.85 15.11
N ASP H 74 -8.95 -33.87 15.02
CA ASP H 74 -8.53 -35.26 14.91
C ASP H 74 -9.31 -35.85 13.76
N ASN H 75 -8.63 -36.01 12.62
CA ASN H 75 -9.29 -36.47 11.40
C ASN H 75 -9.88 -37.87 11.55
N SER H 76 -9.26 -38.73 12.36
CA SER H 76 -9.77 -40.09 12.50
C SER H 76 -11.06 -40.15 13.31
N LYS H 77 -11.40 -39.08 14.02
CA LYS H 77 -12.61 -39.03 14.82
C LYS H 77 -13.61 -38.00 14.31
N ASN H 78 -13.30 -37.30 13.22
CA ASN H 78 -14.17 -36.26 12.69
C ASN H 78 -14.51 -35.24 13.77
N THR H 79 -13.54 -34.94 14.63
CA THR H 79 -13.80 -34.16 15.84
C THR H 79 -12.85 -32.97 15.91
N VAL H 80 -13.38 -31.84 16.37
N VAL H 80 -13.37 -31.82 16.33
CA VAL H 80 -12.61 -30.62 16.64
CA VAL H 80 -12.55 -30.65 16.64
C VAL H 80 -12.62 -30.38 18.14
C VAL H 80 -12.59 -30.43 18.14
N TYR H 81 -11.52 -29.82 18.65
CA TYR H 81 -11.34 -29.64 20.09
C TYR H 81 -10.97 -28.21 20.39
N LEU H 82 -11.46 -27.71 21.53
CA LEU H 82 -11.10 -26.38 22.01
C LEU H 82 -10.52 -26.51 23.40
N GLN H 83 -9.21 -26.30 23.52
CA GLN H 83 -8.52 -26.35 24.82
C GLN H 83 -8.52 -24.94 25.41
N MET H 84 -9.27 -24.74 26.50
CA MET H 84 -9.43 -23.42 27.09
C MET H 84 -8.59 -23.36 28.37
N ASN H 85 -7.49 -22.60 28.33
CA ASN H 85 -6.61 -22.44 29.49
C ASN H 85 -6.78 -21.07 30.11
N SER H 86 -6.28 -20.95 31.35
CA SER H 86 -6.31 -19.70 32.11
C SER H 86 -7.67 -18.99 32.02
N LEU H 87 -8.73 -19.73 32.37
CA LEU H 87 -10.08 -19.21 32.20
C LEU H 87 -10.34 -18.08 33.18
N ARG H 88 -11.07 -17.07 32.71
CA ARG H 88 -11.40 -15.89 33.48
C ARG H 88 -12.91 -15.83 33.62
N ALA H 89 -13.37 -15.00 34.56
CA ALA H 89 -14.81 -14.78 34.71
C ALA H 89 -15.45 -14.33 33.40
N GLU H 90 -14.79 -13.43 32.67
CA GLU H 90 -15.30 -12.94 31.39
C GLU H 90 -15.50 -14.06 30.36
N ASP H 91 -14.98 -15.25 30.62
CA ASP H 91 -15.17 -16.37 29.69
C ASP H 91 -16.46 -17.15 29.95
N THR H 92 -17.19 -16.84 31.02
CA THR H 92 -18.44 -17.55 31.30
C THR H 92 -19.43 -17.29 30.19
N ALA H 93 -19.99 -18.37 29.63
CA ALA H 93 -20.84 -18.25 28.46
C ALA H 93 -21.35 -19.64 28.08
N VAL H 94 -22.39 -19.65 27.28
CA VAL H 94 -22.73 -20.85 26.50
C VAL H 94 -21.85 -20.85 25.25
N TYR H 95 -21.15 -21.95 25.02
CA TYR H 95 -20.24 -22.11 23.88
C TYR H 95 -20.92 -22.99 22.83
N TYR H 96 -20.97 -22.50 21.59
CA TYR H 96 -21.66 -23.21 20.51
C TYR H 96 -20.66 -23.65 19.47
N CYS H 97 -20.65 -24.96 19.17
CA CYS H 97 -19.93 -25.43 17.98
C CYS H 97 -20.65 -24.95 16.73
N ALA H 98 -19.89 -24.61 15.69
CA ALA H 98 -20.51 -24.26 14.42
C ALA H 98 -19.73 -24.90 13.28
N ALA H 99 -20.44 -25.17 12.19
CA ALA H 99 -19.80 -25.58 10.94
C ALA H 99 -20.38 -24.69 9.86
N TYR H 100 -19.50 -24.07 9.06
CA TYR H 100 -20.01 -23.11 8.10
C TYR H 100 -19.12 -23.01 6.87
N ARG H 101 -19.71 -22.43 5.83
N ARG H 101 -19.72 -22.46 5.81
CA ARG H 101 -19.05 -22.23 4.56
CA ARG H 101 -19.04 -22.23 4.56
C ARG H 101 -19.54 -20.89 4.04
C ARG H 101 -19.54 -20.89 4.04
N ILE H 102 -18.60 -20.07 3.55
CA ILE H 102 -18.91 -18.75 3.03
C ILE H 102 -18.76 -18.71 1.52
N VAL H 103 -17.71 -19.36 1.01
CA VAL H 103 -17.16 -19.03 -0.29
C VAL H 103 -18.11 -19.44 -1.41
N SER H 104 -18.90 -20.49 -1.20
CA SER H 104 -19.92 -20.89 -2.16
C SER H 104 -20.89 -21.78 -1.40
N ASP H 105 -22.10 -21.88 -1.94
CA ASP H 105 -23.20 -22.62 -1.32
C ASP H 105 -23.20 -22.38 0.20
N PRO H 106 -23.34 -21.13 0.63
CA PRO H 106 -23.11 -20.83 2.05
C PRO H 106 -24.12 -21.51 2.96
N ARG H 107 -23.64 -21.97 4.12
CA ARG H 107 -24.47 -22.65 5.10
C ARG H 107 -23.83 -22.51 6.46
N VAL H 108 -24.65 -22.52 7.52
CA VAL H 108 -24.13 -22.63 8.88
C VAL H 108 -24.96 -23.64 9.66
N TYR H 109 -24.29 -24.52 10.39
CA TYR H 109 -24.88 -25.48 11.31
C TYR H 109 -24.41 -25.17 12.71
N TRP H 110 -25.29 -25.35 13.70
CA TRP H 110 -24.99 -25.05 15.10
C TRP H 110 -25.17 -26.28 15.97
N GLY H 111 -24.26 -26.45 16.93
CA GLY H 111 -24.49 -27.38 18.03
C GLY H 111 -25.49 -26.83 19.05
N GLN H 112 -25.79 -27.66 20.06
CA GLN H 112 -26.81 -27.34 21.07
C GLN H 112 -26.38 -26.23 22.03
N GLY H 113 -25.06 -26.10 22.25
CA GLY H 113 -24.55 -25.20 23.26
C GLY H 113 -24.11 -25.92 24.51
N THR H 114 -22.98 -25.47 25.06
N THR H 114 -22.89 -25.62 24.96
CA THR H 114 -22.30 -26.10 26.18
CA THR H 114 -22.35 -26.10 26.22
C THR H 114 -21.92 -25.01 27.19
C THR H 114 -22.15 -24.93 27.15
N GLN H 115 -22.44 -25.13 28.42
CA GLN H 115 -22.24 -24.09 29.43
C GLN H 115 -20.84 -24.20 30.04
N VAL H 116 -20.14 -23.08 30.07
CA VAL H 116 -18.85 -22.95 30.74
C VAL H 116 -18.98 -21.82 31.75
N THR H 117 -18.82 -22.13 33.03
CA THR H 117 -19.03 -21.16 34.10
C THR H 117 -17.74 -21.09 34.90
N VAL H 118 -17.17 -19.90 34.97
CA VAL H 118 -15.92 -19.66 35.66
C VAL H 118 -16.26 -18.84 36.89
N SER H 119 -16.20 -19.47 38.06
CA SER H 119 -16.69 -18.85 39.29
C SER H 119 -15.83 -19.28 40.46
N SER H 120 -15.50 -18.31 41.33
CA SER H 120 -14.65 -18.59 42.48
C SER H 120 -15.48 -19.01 43.69
C1 CIT I . 16.75 14.03 -8.31
O1 CIT I . 16.05 15.04 -8.02
O2 CIT I . 17.98 14.03 -8.10
C2 CIT I . 16.10 12.79 -8.93
C3 CIT I . 16.80 12.32 -10.20
O7 CIT I . 18.04 11.69 -9.77
C4 CIT I . 17.12 13.48 -11.14
C5 CIT I . 17.63 12.94 -12.48
O3 CIT I . 16.81 12.73 -13.41
O4 CIT I . 18.85 12.71 -12.68
C6 CIT I . 15.98 11.30 -10.95
O5 CIT I . 14.95 11.67 -11.59
O6 CIT I . 16.38 10.09 -10.95
C1 CIT J . -10.10 35.20 -20.39
O1 CIT J . -10.64 36.34 -20.50
O2 CIT J . -8.92 35.04 -19.94
C2 CIT J . -10.82 33.95 -20.82
C3 CIT J . -10.74 33.87 -22.32
O7 CIT J . -11.45 35.07 -22.73
C4 CIT J . -9.29 33.87 -22.84
C5 CIT J . -8.63 35.23 -23.09
O3 CIT J . -8.98 36.01 -24.03
O4 CIT J . -7.66 35.58 -22.37
C6 CIT J . -11.45 32.57 -22.77
O5 CIT J . -12.45 32.64 -23.51
O6 CIT J . -11.08 31.41 -22.41
C1 GOL K . -0.05 20.74 -13.22
O1 GOL K . -1.27 20.42 -12.52
C2 GOL K . 0.44 22.10 -12.78
O2 GOL K . 1.93 22.23 -12.77
C3 GOL K . -0.32 22.26 -11.46
O3 GOL K . 0.53 22.40 -10.45
NA NA L . -3.70 21.45 -8.57
C1 GOL M . -24.87 -5.88 -2.93
O1 GOL M . -24.61 -7.20 -2.25
C2 GOL M . -23.53 -5.32 -3.47
O2 GOL M . -23.42 -3.95 -3.48
C3 GOL M . -23.45 -5.83 -4.90
O3 GOL M . -23.89 -7.08 -4.81
C1 GOL N . -5.92 5.53 1.82
O1 GOL N . -5.65 4.32 1.07
C2 GOL N . -6.58 5.20 3.20
O2 GOL N . -7.66 6.05 3.46
C3 GOL N . -5.45 5.38 4.26
O3 GOL N . -6.01 5.17 5.56
C1 PEG O . -8.47 2.75 11.13
O1 PEG O . -9.63 3.50 10.80
C2 PEG O . -8.68 1.89 12.34
O2 PEG O . -7.94 0.68 12.19
C3 PEG O . -8.69 -0.47 12.56
C4 PEG O . -7.96 -1.70 12.12
O4 PEG O . -8.69 -2.89 12.39
C2 PEG P . -13.80 -4.55 14.33
O2 PEG P . -14.22 -5.90 14.35
C3 PEG P . -13.63 -6.67 15.40
C4 PEG P . -12.74 -7.75 14.83
O4 PEG P . -11.40 -7.61 15.27
C2 PEG Q . -46.13 1.92 -17.52
O2 PEG Q . -46.26 0.52 -17.71
C3 PEG Q . -46.56 0.19 -19.05
C4 PEG Q . -45.37 -0.45 -19.71
O4 PEG Q . -45.14 -1.75 -19.18
C1 PEG R . -47.31 -2.36 -16.06
O1 PEG R . -47.09 -2.74 -17.42
C2 PEG R . -48.22 -1.19 -15.93
O2 PEG R . -48.04 -0.59 -14.66
C3 PEG R . -47.93 0.83 -14.70
C4 PEG R . -47.17 1.29 -13.48
O4 PEG R . -47.27 2.69 -13.29
C1 PEG S . -34.85 -10.92 6.85
C2 PEG S . -34.58 -11.22 8.29
O2 PEG S . -34.42 -10.01 9.03
C3 PEG S . -33.10 -9.77 9.52
C4 PEG S . -32.30 -11.04 9.52
O4 PEG S . -30.91 -10.78 9.60
C1 CIT T . 38.06 -3.88 -0.43
O1 CIT T . 37.06 -3.13 -0.27
O2 CIT T . 39.14 -3.65 0.21
C2 CIT T . 37.98 -5.05 -1.39
C3 CIT T . 36.70 -5.85 -1.20
O7 CIT T . 35.57 -5.00 -1.50
C4 CIT T . 36.62 -6.31 0.26
C5 CIT T . 35.51 -7.33 0.49
O3 CIT T . 34.31 -6.98 0.70
O4 CIT T . 35.80 -8.56 0.51
C6 CIT T . 36.67 -7.04 -2.13
O5 CIT T . 35.76 -7.12 -3.01
O6 CIT T . 37.54 -7.94 -1.98
C1 CIT U . 28.01 1.61 -5.17
O1 CIT U . 28.26 0.48 -5.68
O2 CIT U . 28.40 1.86 -4.00
C2 CIT U . 27.24 2.66 -5.97
C3 CIT U . 26.23 3.42 -5.10
O7 CIT U . 26.88 4.03 -3.96
C4 CIT U . 25.16 2.43 -4.63
C5 CIT U . 24.19 2.97 -3.58
O3 CIT U . 24.30 4.13 -3.12
O4 CIT U . 23.26 2.24 -3.17
C6 CIT U . 25.60 4.50 -5.99
O5 CIT U . 25.79 5.73 -5.80
O6 CIT U . 24.87 4.16 -6.94
C1 GOL V . 34.79 -12.71 2.55
O1 GOL V . 34.85 -12.28 1.24
C2 GOL V . 35.82 -13.86 2.71
O2 GOL V . 35.81 -14.53 4.01
C3 GOL V . 37.18 -13.16 2.37
O3 GOL V . 37.33 -12.11 3.26
C2 PEG W . 13.84 -0.86 7.44
O2 PEG W . 14.70 -1.39 8.45
C3 PEG W . 14.15 -2.50 9.12
C4 PEG W . 15.07 -3.67 8.99
O4 PEG W . 14.73 -4.69 9.92
C1 PEG X . 14.59 16.03 -27.38
O1 PEG X . 15.10 14.90 -26.66
C2 PEG X . 15.43 17.26 -27.16
O2 PEG X . 16.72 17.04 -27.72
C3 PEG X . 17.31 18.21 -28.28
C4 PEG X . 17.96 19.01 -27.20
O4 PEG X . 19.09 19.72 -27.68
C1 CIT Y . -12.31 -15.63 7.52
O1 CIT Y . -13.18 -14.74 7.59
O2 CIT Y . -11.37 -15.73 8.40
C2 CIT Y . -12.41 -16.57 6.34
C3 CIT Y . -13.13 -17.83 6.72
O7 CIT Y . -12.13 -18.48 7.54
C4 CIT Y . -14.45 -17.62 7.51
C5 CIT Y . -14.41 -17.38 9.04
O3 CIT Y . -14.73 -16.27 9.51
O4 CIT Y . -14.11 -18.29 9.86
C6 CIT Y . -13.42 -18.63 5.41
O5 CIT Y . -14.10 -18.23 4.39
O6 CIT Y . -12.89 -19.76 5.33
C1 PEG Z . -28.73 -21.64 16.91
O1 PEG Z . -27.84 -21.60 18.02
C2 PEG Z . -29.56 -20.40 16.79
O2 PEG Z . -28.96 -19.51 15.84
C3 PEG Z . -28.67 -18.22 16.37
C4 PEG Z . -27.34 -17.75 15.85
O4 PEG Z . -26.78 -16.70 16.64
#